data_5CDY
#
_entry.id   5CDY
#
_cell.length_a   64.740
_cell.length_b   96.850
_cell.length_c   71.550
_cell.angle_alpha   90.00
_cell.angle_beta   104.91
_cell.angle_gamma   90.00
#
_symmetry.space_group_name_H-M   'P 1 21 1'
#
loop_
_entity.id
_entity.type
_entity.pdbx_description
1 polymer '3-oxoacyl-[acyl-carrier protein] reductase'
2 non-polymer 'PHOSPHATE ION'
3 non-polymer GLYCEROL
4 water water
#
_entity_poly.entity_id   1
_entity_poly.type   'polypeptide(L)'
_entity_poly.pdbx_seq_one_letter_code
;MSFEGKIALVTGASRGIGRAIAELLVERGACVIGTATSEKGAEAISAYLGENGKGLMLNVVDPTSIDTVLATIRAEFGEV
DILVNNAGITRDNLLMRMKDDEWQDIIDTNLTSVFRLSKAVMRAMMKKRFGRIITIGSVVGTMGNAGQVNYAAAKAGVIG
FSKSLAREVASRGITVNVVAPGFIETDMTRTLTDDQRAGILAQVPANRLGDAKEIASAVAFLASDEASYISGETLHVNGG
MYMI
;
_entity_poly.pdbx_strand_id   A,B,C,D
#
loop_
_chem_comp.id
_chem_comp.type
_chem_comp.name
_chem_comp.formula
GOL non-polymer GLYCEROL 'C3 H8 O3'
PO4 non-polymer 'PHOSPHATE ION' 'O4 P -3'
#
# COMPACT_ATOMS: atom_id res chain seq x y z
N MET A 1 18.10 21.12 9.81
CA MET A 1 18.69 22.31 9.14
C MET A 1 17.81 23.54 9.34
N SER A 2 18.39 24.71 9.06
CA SER A 2 17.71 25.99 9.27
C SER A 2 16.81 26.35 8.10
N PHE A 3 16.00 27.40 8.31
CA PHE A 3 15.12 27.93 7.27
C PHE A 3 15.30 29.44 7.15
N GLU A 4 16.48 29.92 7.50
CA GLU A 4 16.77 31.35 7.44
C GLU A 4 16.75 31.86 6.00
N GLY A 5 15.94 32.88 5.74
CA GLY A 5 15.81 33.45 4.41
C GLY A 5 14.80 32.72 3.56
N LYS A 6 13.89 32.00 4.21
CA LYS A 6 12.83 31.26 3.52
C LYS A 6 11.47 31.82 3.90
N ILE A 7 10.50 31.69 3.00
CA ILE A 7 9.12 32.08 3.29
C ILE A 7 8.25 30.84 3.30
N ALA A 8 7.54 30.63 4.40
CA ALA A 8 6.69 29.46 4.59
C ALA A 8 5.22 29.86 4.74
N LEU A 9 4.36 29.29 3.91
CA LEU A 9 2.93 29.52 4.02
C LEU A 9 2.24 28.31 4.63
N VAL A 10 1.67 28.51 5.82
CA VAL A 10 0.97 27.46 6.54
C VAL A 10 -0.52 27.79 6.62
N THR A 11 -1.32 27.08 5.83
CA THR A 11 -2.77 27.27 5.87
C THR A 11 -3.33 26.62 7.13
N GLY A 12 -4.30 27.28 7.76
CA GLY A 12 -4.89 26.77 8.99
C GLY A 12 -3.85 26.63 10.08
N ALA A 13 -3.33 27.76 10.54
CA ALA A 13 -2.27 27.77 11.55
C ALA A 13 -2.78 28.34 12.87
N SER A 14 -4.09 28.30 13.08
CA SER A 14 -4.69 28.88 14.27
C SER A 14 -4.25 28.15 15.53
N ARG A 15 -4.29 26.83 15.48
CA ARG A 15 -4.06 26.01 16.67
C ARG A 15 -3.49 24.64 16.32
N GLY A 16 -3.17 23.87 17.36
CA GLY A 16 -2.77 22.48 17.20
C GLY A 16 -1.59 22.26 16.29
N ILE A 17 -1.79 21.39 15.30
CA ILE A 17 -0.72 21.00 14.40
C ILE A 17 -0.28 22.17 13.53
N GLY A 18 -1.24 22.90 12.98
CA GLY A 18 -0.95 24.05 12.15
C GLY A 18 -0.07 25.04 12.87
N ARG A 19 -0.42 25.34 14.11
CA ARG A 19 0.36 26.27 14.92
C ARG A 19 1.72 25.65 15.27
N ALA A 20 1.70 24.38 15.66
CA ALA A 20 2.92 23.67 16.05
C ALA A 20 3.94 23.71 14.92
N ILE A 21 3.46 23.44 13.71
CA ILE A 21 4.31 23.52 12.52
C ILE A 21 4.86 24.93 12.37
N ALA A 22 3.96 25.91 12.37
CA ALA A 22 4.33 27.30 12.19
C ALA A 22 5.39 27.75 13.19
N GLU A 23 5.14 27.44 14.47
CA GLU A 23 6.07 27.81 15.53
C GLU A 23 7.46 27.22 15.31
N LEU A 24 7.51 25.96 14.88
CA LEU A 24 8.78 25.25 14.77
C LEU A 24 9.63 25.78 13.61
N LEU A 25 8.98 26.23 12.54
CA LEU A 25 9.70 26.81 11.41
C LEU A 25 10.30 28.16 11.81
N VAL A 26 9.51 28.97 12.51
CA VAL A 26 9.96 30.28 12.95
C VAL A 26 11.18 30.15 13.85
N GLU A 27 11.14 29.19 14.77
CA GLU A 27 12.22 28.96 15.70
C GLU A 27 13.51 28.57 14.96
N ARG A 28 13.35 28.03 13.76
CA ARG A 28 14.49 27.59 12.95
C ARG A 28 14.78 28.57 11.81
N GLY A 29 14.29 29.80 11.95
CA GLY A 29 14.71 30.89 11.09
C GLY A 29 13.75 31.27 9.98
N ALA A 30 12.68 30.49 9.81
CA ALA A 30 11.74 30.75 8.72
C ALA A 30 10.89 31.98 8.96
N CYS A 31 10.61 32.71 7.88
CA CYS A 31 9.57 33.72 7.88
C CYS A 31 8.25 33.04 7.56
N VAL A 32 7.42 32.87 8.58
CA VAL A 32 6.21 32.07 8.44
C VAL A 32 4.96 32.93 8.34
N ILE A 33 4.10 32.59 7.39
CA ILE A 33 2.81 33.25 7.24
C ILE A 33 1.69 32.25 7.49
N GLY A 34 1.03 32.39 8.64
CA GLY A 34 -0.03 31.50 9.04
C GLY A 34 -1.39 32.02 8.63
N THR A 35 -2.34 31.11 8.44
CA THR A 35 -3.64 31.46 7.87
C THR A 35 -4.80 30.96 8.72
N ALA A 36 -5.88 31.75 8.73
CA ALA A 36 -7.12 31.36 9.40
C ALA A 36 -8.30 31.68 8.48
N THR A 37 -9.48 31.19 8.86
CA THR A 37 -10.68 31.47 8.10
C THR A 37 -11.28 32.83 8.47
N SER A 38 -11.00 33.28 9.68
CA SER A 38 -11.53 34.54 10.19
C SER A 38 -10.41 35.56 10.43
N GLU A 39 -10.77 36.83 10.37
CA GLU A 39 -9.81 37.89 10.66
C GLU A 39 -9.28 37.77 12.08
N LYS A 40 -10.18 37.46 13.01
CA LYS A 40 -9.83 37.28 14.42
C LYS A 40 -8.70 36.27 14.56
N GLY A 41 -8.81 35.17 13.83
CA GLY A 41 -7.80 34.13 13.84
C GLY A 41 -6.48 34.64 13.32
N ALA A 42 -6.54 35.43 12.26
CA ALA A 42 -5.34 35.99 11.65
C ALA A 42 -4.59 36.90 12.62
N GLU A 43 -5.32 37.67 13.42
CA GLU A 43 -4.67 38.55 14.40
C GLU A 43 -4.00 37.71 15.48
N ALA A 44 -4.66 36.63 15.87
CA ALA A 44 -4.12 35.73 16.88
C ALA A 44 -2.86 35.05 16.38
N ILE A 45 -2.80 34.79 15.08
CA ILE A 45 -1.61 34.17 14.49
C ILE A 45 -0.46 35.18 14.44
N SER A 46 -0.77 36.41 14.06
CA SER A 46 0.24 37.46 13.99
C SER A 46 0.82 37.75 15.37
N ALA A 47 0.03 37.47 16.40
CA ALA A 47 0.43 37.75 17.77
C ALA A 47 1.56 36.82 18.22
N TYR A 48 1.39 35.52 18.02
CA TYR A 48 2.40 34.56 18.48
C TYR A 48 3.56 34.46 17.50
N LEU A 49 3.34 34.88 16.26
CA LEU A 49 4.41 34.92 15.26
C LEU A 49 5.37 36.06 15.52
N GLY A 50 4.84 37.15 16.08
CA GLY A 50 5.63 38.34 16.31
C GLY A 50 6.07 38.94 14.99
N GLU A 51 7.29 39.47 14.96
CA GLU A 51 7.83 40.08 13.75
C GLU A 51 8.57 39.07 12.88
N ASN A 52 8.48 37.79 13.25
CA ASN A 52 9.07 36.71 12.45
C ASN A 52 8.10 36.22 11.38
N GLY A 53 6.97 36.91 11.24
CA GLY A 53 5.97 36.54 10.26
C GLY A 53 4.70 37.36 10.38
N LYS A 54 3.60 36.82 9.89
CA LYS A 54 2.32 37.50 9.97
C LYS A 54 1.15 36.53 9.76
N GLY A 55 -0.01 36.90 10.31
CA GLY A 55 -1.22 36.13 10.14
C GLY A 55 -2.17 36.81 9.17
N LEU A 56 -2.69 36.03 8.22
CA LEU A 56 -3.64 36.55 7.24
C LEU A 56 -4.88 35.68 7.18
N MET A 57 -5.99 36.27 6.74
CA MET A 57 -7.22 35.51 6.51
C MET A 57 -7.22 34.94 5.09
N LEU A 58 -7.48 33.65 4.98
CA LEU A 58 -7.56 32.99 3.68
C LEU A 58 -8.71 31.99 3.62
N ASN A 59 -9.45 32.05 2.52
CA ASN A 59 -10.52 31.09 2.24
C ASN A 59 -10.09 30.25 1.04
N VAL A 60 -9.58 29.05 1.32
CA VAL A 60 -8.96 28.22 0.30
C VAL A 60 -9.95 27.76 -0.76
N VAL A 61 -11.24 27.95 -0.51
CA VAL A 61 -12.28 27.61 -1.47
C VAL A 61 -12.53 28.75 -2.45
N ASP A 62 -12.12 29.95 -2.07
CA ASP A 62 -12.31 31.14 -2.89
C ASP A 62 -11.04 31.46 -3.69
N PRO A 63 -11.11 31.37 -5.04
CA PRO A 63 -9.94 31.71 -5.85
C PRO A 63 -9.49 33.16 -5.67
N THR A 64 -10.45 34.07 -5.61
CA THR A 64 -10.14 35.48 -5.46
C THR A 64 -9.38 35.69 -4.16
N SER A 65 -9.77 34.94 -3.14
CA SER A 65 -9.13 35.04 -1.84
C SER A 65 -7.68 34.60 -1.92
N ILE A 66 -7.46 33.40 -2.49
CA ILE A 66 -6.11 32.85 -2.62
C ILE A 66 -5.18 33.80 -3.35
N ASP A 67 -5.68 34.48 -4.37
CA ASP A 67 -4.89 35.44 -5.13
C ASP A 67 -4.51 36.62 -4.27
N THR A 68 -5.47 37.11 -3.47
CA THR A 68 -5.27 38.30 -2.65
C THR A 68 -4.17 38.12 -1.61
N VAL A 69 -4.20 37.00 -0.89
CA VAL A 69 -3.24 36.79 0.19
C VAL A 69 -1.85 36.55 -0.41
N LEU A 70 -1.78 35.74 -1.46
CA LEU A 70 -0.50 35.45 -2.10
C LEU A 70 0.11 36.71 -2.68
N ALA A 71 -0.73 37.60 -3.19
CA ALA A 71 -0.28 38.91 -3.64
C ALA A 71 0.31 39.68 -2.47
N THR A 72 -0.37 39.63 -1.32
CA THR A 72 0.08 40.31 -0.11
C THR A 72 1.42 39.78 0.36
N ILE A 73 1.60 38.46 0.29
CA ILE A 73 2.84 37.83 0.72
C ILE A 73 4.01 38.26 -0.16
N ARG A 74 3.79 38.26 -1.47
CA ARG A 74 4.83 38.65 -2.43
C ARG A 74 5.19 40.13 -2.26
N ALA A 75 4.20 40.93 -1.89
CA ALA A 75 4.40 42.36 -1.71
C ALA A 75 5.18 42.66 -0.43
N GLU A 76 4.77 42.04 0.67
CA GLU A 76 5.29 42.38 1.99
C GLU A 76 6.45 41.50 2.46
N PHE A 77 6.66 40.37 1.78
CA PHE A 77 7.69 39.42 2.19
C PHE A 77 8.48 38.88 1.00
N GLY A 78 7.78 38.23 0.07
CA GLY A 78 8.43 37.69 -1.11
C GLY A 78 7.80 36.38 -1.59
N GLU A 79 8.59 35.60 -2.32
CA GLU A 79 8.11 34.36 -2.93
C GLU A 79 8.05 33.22 -1.91
N VAL A 80 6.97 32.46 -1.95
CA VAL A 80 6.80 31.32 -1.05
C VAL A 80 7.72 30.17 -1.44
N ASP A 81 8.56 29.75 -0.50
CA ASP A 81 9.47 28.64 -0.72
C ASP A 81 8.87 27.32 -0.23
N ILE A 82 8.06 27.40 0.82
CA ILE A 82 7.48 26.20 1.45
C ILE A 82 5.98 26.38 1.68
N LEU A 83 5.19 25.44 1.15
CA LEU A 83 3.75 25.44 1.34
C LEU A 83 3.31 24.24 2.16
N VAL A 84 2.64 24.50 3.27
CA VAL A 84 2.12 23.44 4.09
C VAL A 84 0.60 23.61 4.13
N ASN A 85 -0.11 22.66 3.52
CA ASN A 85 -1.56 22.66 3.50
C ASN A 85 -2.13 21.95 4.71
N ASN A 86 -2.86 22.68 5.55
CA ASN A 86 -3.44 22.15 6.77
C ASN A 86 -4.78 22.84 7.07
N ALA A 87 -5.47 23.24 6.00
CA ALA A 87 -6.74 23.95 6.13
C ALA A 87 -7.92 23.01 5.91
N GLY A 88 -7.70 21.72 6.14
CA GLY A 88 -8.76 20.73 5.96
C GLY A 88 -9.84 20.84 7.02
N ILE A 89 -11.04 20.36 6.68
CA ILE A 89 -12.16 20.31 7.62
C ILE A 89 -12.87 18.97 7.49
N THR A 90 -13.86 18.75 8.34
CA THR A 90 -14.65 17.52 8.27
C THR A 90 -16.14 17.81 8.42
N ARG A 91 -16.95 17.11 7.61
CA ARG A 91 -18.40 17.21 7.66
C ARG A 91 -18.95 15.80 7.69
N ASP A 92 -18.69 15.10 8.79
CA ASP A 92 -18.94 13.68 8.88
C ASP A 92 -20.42 13.35 8.77
N ASN A 93 -20.71 12.30 8.02
CA ASN A 93 -22.06 11.80 7.85
C ASN A 93 -22.02 10.46 7.13
N LEU A 94 -22.98 9.58 7.42
CA LEU A 94 -23.11 8.39 6.61
C LEU A 94 -23.45 8.84 5.20
N LEU A 95 -22.97 8.08 4.22
CA LEU A 95 -23.14 8.45 2.81
C LEU A 95 -24.59 8.78 2.52
N MET A 96 -25.49 7.99 3.10
CA MET A 96 -26.92 8.17 2.89
C MET A 96 -27.37 9.49 3.46
N ARG A 97 -26.76 9.86 4.58
CA ARG A 97 -27.19 11.00 5.34
C ARG A 97 -26.33 12.22 5.04
N MET A 98 -25.71 12.19 3.87
CA MET A 98 -24.72 13.18 3.48
C MET A 98 -25.25 14.03 2.34
N LYS A 99 -25.44 15.32 2.60
CA LYS A 99 -25.96 16.20 1.57
C LYS A 99 -24.79 16.53 0.63
N ASP A 100 -25.12 16.82 -0.63
CA ASP A 100 -24.11 17.12 -1.64
C ASP A 100 -23.10 18.15 -1.16
N ASP A 101 -23.62 19.29 -0.76
CA ASP A 101 -22.83 20.36 -0.15
C ASP A 101 -21.78 19.83 0.82
N GLU A 102 -22.18 18.95 1.74
CA GLU A 102 -21.25 18.38 2.72
C GLU A 102 -20.14 17.58 2.04
N TRP A 103 -20.49 16.91 0.95
CA TRP A 103 -19.48 16.22 0.15
C TRP A 103 -18.62 17.27 -0.57
N GLN A 104 -19.27 18.18 -1.28
CA GLN A 104 -18.56 19.12 -2.14
C GLN A 104 -17.72 20.14 -1.37
N ASP A 105 -18.10 20.44 -0.13
CA ASP A 105 -17.31 21.34 0.69
C ASP A 105 -15.97 20.71 1.06
N ILE A 106 -16.00 19.43 1.38
CA ILE A 106 -14.79 18.69 1.70
C ILE A 106 -13.88 18.55 0.49
N ILE A 107 -14.47 18.27 -0.67
CA ILE A 107 -13.71 18.18 -1.91
C ILE A 107 -13.07 19.51 -2.24
N ASP A 108 -13.81 20.60 -2.02
CA ASP A 108 -13.30 21.93 -2.34
C ASP A 108 -12.26 22.41 -1.34
N THR A 109 -12.46 22.06 -0.07
CA THR A 109 -11.62 22.57 1.00
C THR A 109 -10.37 21.73 1.24
N ASN A 110 -10.49 20.42 1.08
CA ASN A 110 -9.40 19.50 1.42
C ASN A 110 -8.59 19.04 0.22
N LEU A 111 -9.21 19.04 -0.96
CA LEU A 111 -8.57 18.52 -2.17
C LEU A 111 -8.27 19.62 -3.19
N THR A 112 -9.32 20.22 -3.73
CA THR A 112 -9.18 21.25 -4.77
C THR A 112 -8.29 22.39 -4.31
N SER A 113 -8.33 22.70 -3.02
CA SER A 113 -7.53 23.77 -2.45
C SER A 113 -6.04 23.53 -2.65
N VAL A 114 -5.62 22.28 -2.47
CA VAL A 114 -4.22 21.91 -2.62
C VAL A 114 -3.76 22.08 -4.05
N PHE A 115 -4.66 21.85 -5.00
CA PHE A 115 -4.35 22.03 -6.40
C PHE A 115 -4.16 23.52 -6.72
N ARG A 116 -5.03 24.35 -6.18
CA ARG A 116 -4.99 25.78 -6.44
C ARG A 116 -3.80 26.45 -5.77
N LEU A 117 -3.58 26.12 -4.51
CA LEU A 117 -2.46 26.69 -3.76
C LEU A 117 -1.12 26.21 -4.32
N SER A 118 -1.05 24.93 -4.71
CA SER A 118 0.17 24.40 -5.32
C SER A 118 0.42 25.12 -6.65
N LYS A 119 -0.63 25.24 -7.45
CA LYS A 119 -0.55 25.88 -8.75
C LYS A 119 -0.12 27.34 -8.63
N ALA A 120 -0.54 28.00 -7.55
CA ALA A 120 -0.31 29.42 -7.38
C ALA A 120 1.12 29.74 -6.98
N VAL A 121 1.81 28.77 -6.37
CA VAL A 121 3.16 28.99 -5.87
C VAL A 121 4.22 28.25 -6.70
N MET A 122 3.77 27.45 -7.65
CA MET A 122 4.67 26.57 -8.40
C MET A 122 5.58 27.35 -9.36
N ARG A 123 5.03 28.40 -9.97
CA ARG A 123 5.79 29.20 -10.94
C ARG A 123 7.07 29.74 -10.32
N ALA A 124 6.94 30.26 -9.10
CA ALA A 124 8.08 30.83 -8.38
C ALA A 124 9.11 29.78 -8.00
N MET A 125 8.62 28.61 -7.58
CA MET A 125 9.49 27.55 -7.10
C MET A 125 10.38 26.99 -8.19
N MET A 126 9.85 26.90 -9.41
CA MET A 126 10.60 26.37 -10.54
C MET A 126 11.67 27.37 -10.98
N LYS A 127 11.33 28.66 -10.92
CA LYS A 127 12.26 29.71 -11.28
C LYS A 127 13.44 29.71 -10.30
N LYS A 128 13.14 29.43 -9.03
CA LYS A 128 14.17 29.35 -8.00
C LYS A 128 14.82 27.97 -7.94
N ARG A 129 14.27 27.02 -8.71
CA ARG A 129 14.70 25.63 -8.68
C ARG A 129 14.58 25.03 -7.27
N PHE A 130 13.63 25.54 -6.49
CA PHE A 130 13.35 24.97 -5.17
C PHE A 130 11.90 25.19 -4.76
N GLY A 131 11.33 24.15 -4.14
CA GLY A 131 9.97 24.24 -3.62
C GLY A 131 9.66 23.11 -2.66
N ARG A 132 8.76 23.38 -1.71
CA ARG A 132 8.28 22.36 -0.79
C ARG A 132 6.77 22.45 -0.67
N ILE A 133 6.10 21.38 -1.04
CA ILE A 133 4.65 21.27 -0.85
C ILE A 133 4.37 20.08 0.05
N ILE A 134 3.79 20.38 1.21
CA ILE A 134 3.45 19.38 2.20
C ILE A 134 1.99 19.52 2.56
N THR A 135 1.27 18.41 2.54
CA THR A 135 -0.13 18.43 2.94
C THR A 135 -0.31 17.58 4.19
N ILE A 136 -1.13 18.08 5.11
CA ILE A 136 -1.41 17.38 6.36
C ILE A 136 -2.71 16.60 6.23
N GLY A 137 -2.61 15.28 6.13
CA GLY A 137 -3.77 14.40 6.02
C GLY A 137 -3.80 13.31 7.08
N SER A 138 -4.75 13.39 8.00
CA SER A 138 -4.86 12.45 9.12
C SER A 138 -5.62 11.17 8.76
N GLY A 147 -18.08 6.46 8.47
CA GLY A 147 -18.95 7.60 8.27
C GLY A 147 -18.22 8.84 7.81
N GLN A 148 -17.16 8.65 7.04
CA GLN A 148 -16.31 9.75 6.60
C GLN A 148 -15.90 9.59 5.14
N VAL A 149 -16.81 9.12 4.30
CA VAL A 149 -16.48 8.85 2.90
C VAL A 149 -16.03 10.11 2.17
N ASN A 150 -16.52 11.27 2.60
CA ASN A 150 -16.14 12.53 1.98
C ASN A 150 -14.72 12.94 2.39
N TYR A 151 -14.42 12.78 3.67
CA TYR A 151 -13.08 13.08 4.18
C TYR A 151 -12.06 12.08 3.65
N ALA A 152 -12.47 10.82 3.57
CA ALA A 152 -11.58 9.75 3.12
C ALA A 152 -11.21 9.92 1.66
N ALA A 153 -12.19 10.30 0.84
CA ALA A 153 -11.97 10.49 -0.58
C ALA A 153 -10.98 11.62 -0.83
N ALA A 154 -11.17 12.73 -0.13
CA ALA A 154 -10.33 13.91 -0.31
C ALA A 154 -8.89 13.62 0.08
N LYS A 155 -8.72 12.93 1.22
CA LYS A 155 -7.38 12.61 1.70
C LYS A 155 -6.67 11.66 0.74
N ALA A 156 -7.41 10.71 0.20
CA ALA A 156 -6.86 9.77 -0.77
C ALA A 156 -6.47 10.51 -2.04
N GLY A 157 -7.29 11.50 -2.40
CA GLY A 157 -7.03 12.31 -3.58
C GLY A 157 -5.80 13.17 -3.42
N VAL A 158 -5.60 13.68 -2.21
CA VAL A 158 -4.43 14.50 -1.91
C VAL A 158 -3.16 13.70 -2.15
N ILE A 159 -3.15 12.45 -1.69
CA ILE A 159 -2.01 11.58 -1.86
C ILE A 159 -1.79 11.26 -3.34
N GLY A 160 -2.89 11.06 -4.06
CA GLY A 160 -2.84 10.82 -5.49
C GLY A 160 -2.30 12.02 -6.22
N PHE A 161 -2.75 13.19 -5.80
CA PHE A 161 -2.28 14.45 -6.37
C PHE A 161 -0.80 14.64 -6.08
N SER A 162 -0.41 14.44 -4.82
CA SER A 162 0.97 14.61 -4.39
C SER A 162 1.94 13.71 -5.17
N LYS A 163 1.59 12.44 -5.30
CA LYS A 163 2.48 11.47 -5.94
C LYS A 163 2.65 11.77 -7.44
N SER A 164 1.55 12.11 -8.09
CA SER A 164 1.59 12.50 -9.49
C SER A 164 2.46 13.74 -9.70
N LEU A 165 2.17 14.80 -8.95
CA LEU A 165 2.87 16.07 -9.09
C LEU A 165 4.34 15.95 -8.72
N ALA A 166 4.63 15.12 -7.72
CA ALA A 166 6.00 14.90 -7.26
C ALA A 166 6.87 14.35 -8.38
N ARG A 167 6.30 13.46 -9.18
CA ARG A 167 7.00 12.89 -10.31
C ARG A 167 7.10 13.89 -11.46
N GLU A 168 6.13 14.80 -11.52
CA GLU A 168 6.06 15.78 -12.59
C GLU A 168 7.11 16.88 -12.46
N VAL A 169 7.41 17.27 -11.22
CA VAL A 169 8.32 18.39 -10.96
C VAL A 169 9.58 17.96 -10.21
N ALA A 170 9.91 16.68 -10.32
CA ALA A 170 11.00 16.10 -9.53
C ALA A 170 12.34 16.81 -9.74
N SER A 171 12.79 16.85 -10.99
CA SER A 171 14.11 17.39 -11.30
C SER A 171 14.17 18.91 -11.25
N ARG A 172 13.03 19.56 -11.00
CA ARG A 172 12.99 21.01 -10.88
C ARG A 172 13.37 21.47 -9.47
N GLY A 173 13.75 20.52 -8.62
CA GLY A 173 14.18 20.83 -7.26
C GLY A 173 13.04 20.99 -6.28
N ILE A 174 11.86 20.51 -6.66
CA ILE A 174 10.67 20.64 -5.84
C ILE A 174 10.17 19.27 -5.37
N THR A 175 9.85 19.18 -4.07
CA THR A 175 9.28 17.96 -3.51
C THR A 175 7.82 18.18 -3.13
N VAL A 176 7.00 17.14 -3.29
CA VAL A 176 5.61 17.18 -2.89
C VAL A 176 5.27 15.95 -2.06
N ASN A 177 5.02 16.16 -0.78
CA ASN A 177 4.78 15.06 0.16
C ASN A 177 3.51 15.24 0.97
N VAL A 178 3.20 14.19 1.75
CA VAL A 178 2.07 14.20 2.66
C VAL A 178 2.52 13.68 4.01
N VAL A 179 2.16 14.40 5.07
CA VAL A 179 2.40 13.93 6.43
C VAL A 179 1.09 13.42 7.00
N ALA A 180 1.08 12.18 7.49
CA ALA A 180 -0.17 11.56 7.93
C ALA A 180 -0.13 11.21 9.41
N PRO A 181 -0.61 12.14 10.26
CA PRO A 181 -0.63 11.84 11.68
C PRO A 181 -1.76 10.87 12.02
N GLY A 182 -1.51 9.99 12.99
CA GLY A 182 -2.61 9.29 13.63
C GLY A 182 -3.25 10.42 14.40
N PHE A 183 -4.55 10.34 14.67
CA PHE A 183 -5.21 11.46 15.34
C PHE A 183 -4.51 11.76 16.64
N ILE A 184 -4.24 13.03 16.86
CA ILE A 184 -3.31 13.45 17.89
C ILE A 184 -4.06 14.01 19.08
N GLU A 185 -3.36 14.11 20.20
CA GLU A 185 -3.98 14.59 21.44
C GLU A 185 -4.14 16.10 21.39
N THR A 186 -5.40 16.55 21.41
CA THR A 186 -5.72 17.97 21.31
C THR A 186 -6.09 18.55 22.67
N ASN A 207 1.76 4.51 23.56
CA ASN A 207 0.38 4.77 23.94
C ASN A 207 -0.35 5.67 22.96
N ARG A 208 -0.12 6.98 23.12
CA ARG A 208 -0.65 8.00 22.23
C ARG A 208 0.12 7.96 20.93
N LEU A 209 -0.50 8.35 19.83
CA LEU A 209 0.23 8.31 18.57
C LEU A 209 1.33 9.35 18.37
N GLY A 210 1.04 10.57 18.83
CA GLY A 210 1.97 11.66 18.74
C GLY A 210 1.22 12.91 19.16
N ASP A 211 1.92 14.04 19.18
CA ASP A 211 1.30 15.31 19.53
C ASP A 211 1.76 16.39 18.53
N ALA A 212 0.96 17.46 18.43
CA ALA A 212 1.14 18.52 17.44
C ALA A 212 2.61 18.89 17.20
N LYS A 213 3.41 18.81 18.25
CA LYS A 213 4.84 19.12 18.17
C LYS A 213 5.58 18.13 17.26
N GLU A 214 5.22 16.85 17.36
CA GLU A 214 5.93 15.80 16.65
C GLU A 214 5.53 15.73 15.18
N ILE A 215 4.32 16.18 14.88
CA ILE A 215 3.90 16.32 13.48
C ILE A 215 4.68 17.47 12.85
N ALA A 216 4.96 18.48 13.66
CA ALA A 216 5.73 19.63 13.19
C ALA A 216 7.16 19.22 12.89
N SER A 217 7.72 18.33 13.71
CA SER A 217 9.08 17.84 13.50
C SER A 217 9.20 17.12 12.16
N ALA A 218 8.18 16.35 11.82
CA ALA A 218 8.14 15.63 10.56
C ALA A 218 8.05 16.62 9.40
N VAL A 219 7.13 17.58 9.51
CA VAL A 219 6.93 18.57 8.47
C VAL A 219 8.17 19.44 8.27
N ALA A 220 8.91 19.66 9.36
CA ALA A 220 10.12 20.46 9.31
C ALA A 220 11.26 19.70 8.63
N PHE A 221 11.25 18.38 8.79
CA PHE A 221 12.28 17.55 8.18
C PHE A 221 12.11 17.49 6.67
N LEU A 222 10.88 17.33 6.22
CA LEU A 222 10.59 17.23 4.80
C LEU A 222 10.86 18.55 4.11
N ALA A 223 10.61 19.65 4.82
CA ALA A 223 10.78 20.99 4.27
C ALA A 223 12.25 21.42 4.24
N SER A 224 13.09 20.70 4.98
CA SER A 224 14.50 21.06 5.10
C SER A 224 15.30 20.67 3.86
N ASP A 225 16.61 20.90 3.92
CA ASP A 225 17.50 20.58 2.82
C ASP A 225 17.99 19.14 2.90
N GLU A 226 17.53 18.41 3.92
CA GLU A 226 17.94 17.03 4.14
C GLU A 226 16.91 16.04 3.60
N ALA A 227 15.85 16.55 3.00
CA ALA A 227 14.81 15.72 2.39
C ALA A 227 14.60 16.13 0.93
N SER A 228 15.69 16.54 0.28
CA SER A 228 15.64 17.05 -1.08
C SER A 228 15.17 16.00 -2.08
N TYR A 229 15.59 14.75 -1.87
CA TYR A 229 15.25 13.66 -2.78
C TYR A 229 14.15 12.76 -2.21
N ILE A 230 13.46 13.24 -1.19
CA ILE A 230 12.24 12.60 -0.71
C ILE A 230 11.05 13.36 -1.27
N SER A 231 10.28 12.68 -2.12
CA SER A 231 9.18 13.32 -2.82
C SER A 231 8.13 12.28 -3.20
N GLY A 232 6.86 12.64 -3.09
CA GLY A 232 5.77 11.72 -3.39
C GLY A 232 5.53 10.72 -2.28
N GLU A 233 6.02 11.06 -1.08
CA GLU A 233 5.97 10.16 0.06
C GLU A 233 4.82 10.49 1.00
N THR A 234 4.34 9.48 1.71
CA THR A 234 3.34 9.67 2.75
C THR A 234 3.93 9.26 4.10
N LEU A 235 4.37 10.25 4.86
CA LEU A 235 5.03 10.00 6.15
C LEU A 235 4.01 9.89 7.27
N HIS A 236 3.80 8.67 7.75
CA HIS A 236 2.83 8.43 8.82
C HIS A 236 3.46 8.63 10.18
N VAL A 237 2.77 9.36 11.04
CA VAL A 237 3.24 9.60 12.41
C VAL A 237 2.19 9.08 13.40
N ASN A 238 2.16 7.76 13.55
CA ASN A 238 1.21 7.11 14.45
C ASN A 238 1.91 6.33 15.56
N GLY A 239 3.24 6.22 15.46
CA GLY A 239 4.04 5.62 16.50
C GLY A 239 3.87 4.12 16.64
N GLY A 240 3.50 3.46 15.55
CA GLY A 240 3.31 2.02 15.55
C GLY A 240 1.92 1.62 16.00
N MET A 241 1.07 2.62 16.25
CA MET A 241 -0.32 2.40 16.63
C MET A 241 -0.44 1.63 17.94
N MET B 1 18.55 16.44 15.59
CA MET B 1 19.33 16.79 16.81
C MET B 1 20.60 15.94 16.88
N SER B 2 21.54 16.35 17.73
CA SER B 2 22.79 15.61 17.92
C SER B 2 22.56 14.29 18.63
N PHE B 3 23.50 13.36 18.48
CA PHE B 3 23.42 12.04 19.07
C PHE B 3 24.43 11.87 20.21
N GLU B 4 24.75 12.98 20.89
CA GLU B 4 25.68 12.93 22.01
C GLU B 4 25.18 11.97 23.09
N GLY B 5 26.01 10.98 23.42
CA GLY B 5 25.68 10.00 24.43
C GLY B 5 24.91 8.82 23.87
N LYS B 6 25.12 8.51 22.60
CA LYS B 6 24.45 7.40 21.93
C LYS B 6 25.47 6.50 21.25
N ILE B 7 25.22 5.19 21.29
CA ILE B 7 26.05 4.22 20.59
C ILE B 7 25.28 3.64 19.40
N ALA B 8 25.87 3.74 18.21
CA ALA B 8 25.23 3.28 16.99
C ALA B 8 25.99 2.13 16.34
N LEU B 9 25.28 1.04 16.04
CA LEU B 9 25.85 -0.10 15.36
C LEU B 9 25.37 -0.15 13.92
N VAL B 10 26.30 0.07 12.98
CA VAL B 10 25.98 0.09 11.56
C VAL B 10 26.64 -1.08 10.84
N THR B 11 25.88 -2.14 10.59
CA THR B 11 26.42 -3.30 9.90
C THR B 11 26.72 -2.95 8.45
N GLY B 12 27.82 -3.49 7.93
CA GLY B 12 28.24 -3.22 6.56
C GLY B 12 28.48 -1.73 6.34
N ALA B 13 29.52 -1.21 6.98
CA ALA B 13 29.85 0.21 6.90
C ALA B 13 31.14 0.44 6.13
N SER B 14 31.46 -0.48 5.24
CA SER B 14 32.72 -0.42 4.49
C SER B 14 32.74 0.72 3.49
N ARG B 15 31.65 0.87 2.75
CA ARG B 15 31.57 1.92 1.72
C ARG B 15 30.14 2.34 1.44
N GLY B 16 30.01 3.36 0.60
CA GLY B 16 28.71 3.81 0.11
C GLY B 16 27.75 4.20 1.21
N ILE B 17 26.57 3.59 1.17
CA ILE B 17 25.49 3.91 2.11
C ILE B 17 25.92 3.67 3.55
N GLY B 18 26.47 2.48 3.82
CA GLY B 18 26.89 2.11 5.15
C GLY B 18 27.85 3.12 5.75
N ARG B 19 28.87 3.49 4.99
CA ARG B 19 29.85 4.47 5.43
C ARG B 19 29.22 5.85 5.54
N ALA B 20 28.38 6.19 4.58
CA ALA B 20 27.70 7.48 4.57
C ALA B 20 26.84 7.64 5.81
N ILE B 21 26.20 6.56 6.22
CA ILE B 21 25.41 6.55 7.44
C ILE B 21 26.31 6.71 8.65
N ALA B 22 27.37 5.91 8.70
CA ALA B 22 28.31 5.95 9.83
C ALA B 22 28.95 7.32 9.97
N GLU B 23 29.40 7.89 8.86
CA GLU B 23 30.10 9.16 8.86
C GLU B 23 29.22 10.33 9.32
N LEU B 24 27.94 10.28 9.02
CA LEU B 24 27.04 11.36 9.39
C LEU B 24 26.68 11.29 10.87
N LEU B 25 26.65 10.08 11.41
CA LEU B 25 26.32 9.88 12.82
C LEU B 25 27.43 10.42 13.73
N VAL B 26 28.68 10.10 13.42
CA VAL B 26 29.80 10.56 14.24
C VAL B 26 29.93 12.08 14.17
N GLU B 27 29.55 12.64 13.03
CA GLU B 27 29.57 14.09 12.84
C GLU B 27 28.59 14.77 13.77
N ARG B 28 27.53 14.05 14.15
CA ARG B 28 26.48 14.60 15.00
C ARG B 28 26.61 14.10 16.44
N GLY B 29 27.78 13.58 16.80
CA GLY B 29 28.11 13.29 18.18
C GLY B 29 28.03 11.83 18.60
N ALA B 30 27.57 10.97 17.70
CA ALA B 30 27.39 9.56 18.03
C ALA B 30 28.72 8.81 18.08
N CYS B 31 28.79 7.82 18.95
CA CYS B 31 29.88 6.84 18.94
C CYS B 31 29.45 5.68 18.05
N VAL B 32 30.05 5.58 16.87
CA VAL B 32 29.59 4.66 15.83
C VAL B 32 30.51 3.45 15.71
N ILE B 33 29.90 2.26 15.64
CA ILE B 33 30.63 1.04 15.37
C ILE B 33 30.15 0.43 14.06
N GLY B 34 30.96 0.59 13.02
CA GLY B 34 30.66 0.02 11.73
C GLY B 34 31.30 -1.35 11.59
N THR B 35 30.64 -2.27 10.89
CA THR B 35 31.16 -3.62 10.73
C THR B 35 31.45 -3.96 9.28
N ALA B 36 32.31 -4.95 9.10
CA ALA B 36 32.60 -5.51 7.78
C ALA B 36 32.72 -7.02 7.92
N THR B 37 32.69 -7.72 6.78
CA THR B 37 32.80 -9.17 6.78
C THR B 37 34.24 -9.60 7.01
N SER B 38 35.18 -8.76 6.58
CA SER B 38 36.61 -9.06 6.70
C SER B 38 37.28 -8.11 7.68
N GLU B 39 38.37 -8.56 8.28
CA GLU B 39 39.15 -7.74 9.21
C GLU B 39 39.73 -6.53 8.50
N LYS B 40 40.21 -6.72 7.28
CA LYS B 40 40.79 -5.64 6.49
C LYS B 40 39.76 -4.54 6.27
N GLY B 41 38.50 -4.94 6.15
CA GLY B 41 37.42 -3.98 6.05
C GLY B 41 37.20 -3.28 7.37
N ALA B 42 37.28 -4.05 8.46
CA ALA B 42 37.10 -3.51 9.80
C ALA B 42 38.15 -2.46 10.13
N GLU B 43 39.40 -2.73 9.76
CA GLU B 43 40.49 -1.78 9.99
C GLU B 43 40.27 -0.52 9.17
N ALA B 44 39.73 -0.68 7.97
CA ALA B 44 39.42 0.45 7.11
C ALA B 44 38.30 1.28 7.72
N ILE B 45 37.36 0.60 8.39
CA ILE B 45 36.27 1.29 9.05
C ILE B 45 36.78 2.03 10.29
N SER B 46 37.68 1.37 11.02
CA SER B 46 38.30 1.99 12.19
C SER B 46 39.09 3.23 11.81
N ALA B 47 39.62 3.23 10.59
CA ALA B 47 40.46 4.32 10.11
C ALA B 47 39.68 5.62 9.96
N TYR B 48 38.61 5.60 9.17
CA TYR B 48 37.87 6.82 8.88
C TYR B 48 36.98 7.22 10.07
N LEU B 49 36.79 6.29 11.01
CA LEU B 49 36.01 6.59 12.21
C LEU B 49 36.86 7.36 13.22
N GLY B 50 38.15 7.09 13.23
CA GLY B 50 39.07 7.74 14.15
C GLY B 50 38.75 7.41 15.60
N GLU B 51 38.80 8.43 16.45
CA GLU B 51 38.52 8.25 17.87
C GLU B 51 37.02 8.31 18.18
N ASN B 52 36.22 8.51 17.14
CA ASN B 52 34.77 8.62 17.32
C ASN B 52 34.07 7.27 17.20
N GLY B 53 34.85 6.20 17.11
CA GLY B 53 34.27 4.88 16.97
C GLY B 53 35.29 3.78 16.74
N LYS B 54 34.83 2.67 16.17
CA LYS B 54 35.69 1.51 15.95
C LYS B 54 35.10 0.60 14.87
N GLY B 55 35.97 -0.13 14.17
CA GLY B 55 35.54 -1.05 13.14
C GLY B 55 35.80 -2.49 13.52
N LEU B 56 34.75 -3.30 13.53
CA LEU B 56 34.83 -4.70 13.93
C LEU B 56 34.43 -5.64 12.78
N MET B 57 34.82 -6.90 12.89
CA MET B 57 34.40 -7.92 11.92
C MET B 57 33.10 -8.56 12.38
N LEU B 58 32.16 -8.71 11.45
CA LEU B 58 30.86 -9.29 11.77
C LEU B 58 30.35 -10.21 10.66
N ASN B 59 29.81 -11.36 11.08
CA ASN B 59 29.13 -12.29 10.19
C ASN B 59 27.67 -12.40 10.62
N VAL B 60 26.80 -11.70 9.91
CA VAL B 60 25.41 -11.51 10.35
C VAL B 60 24.59 -12.79 10.35
N VAL B 61 25.08 -13.83 9.69
CA VAL B 61 24.38 -15.12 9.64
C VAL B 61 24.88 -16.05 10.75
N ASP B 62 26.07 -15.76 11.26
CA ASP B 62 26.69 -16.57 12.31
C ASP B 62 26.28 -16.05 13.70
N PRO B 63 25.54 -16.87 14.47
CA PRO B 63 25.14 -16.44 15.81
C PRO B 63 26.33 -16.21 16.74
N THR B 64 27.35 -17.07 16.65
CA THR B 64 28.53 -16.97 17.50
C THR B 64 29.24 -15.63 17.29
N SER B 65 29.26 -15.17 16.05
CA SER B 65 29.88 -13.90 15.71
C SER B 65 29.10 -12.74 16.32
N ILE B 66 27.77 -12.81 16.20
CA ILE B 66 26.89 -11.75 16.71
C ILE B 66 27.03 -11.58 18.22
N ASP B 67 27.22 -12.70 18.93
CA ASP B 67 27.37 -12.65 20.39
C ASP B 67 28.72 -12.03 20.76
N THR B 68 29.75 -12.37 20.00
CA THR B 68 31.10 -11.88 20.29
C THR B 68 31.24 -10.39 19.99
N VAL B 69 30.73 -9.95 18.85
CA VAL B 69 30.83 -8.54 18.48
C VAL B 69 30.12 -7.67 19.51
N LEU B 70 28.89 -8.04 19.88
CA LEU B 70 28.12 -7.27 20.84
C LEU B 70 28.79 -7.27 22.22
N ALA B 71 29.40 -8.39 22.59
CA ALA B 71 30.11 -8.49 23.84
C ALA B 71 31.29 -7.53 23.87
N THR B 72 31.96 -7.40 22.73
CA THR B 72 33.07 -6.47 22.59
C THR B 72 32.59 -5.02 22.74
N ILE B 73 31.42 -4.73 22.16
CA ILE B 73 30.87 -3.38 22.20
C ILE B 73 30.52 -2.97 23.63
N ARG B 74 29.83 -3.84 24.35
CA ARG B 74 29.44 -3.57 25.73
C ARG B 74 30.66 -3.46 26.63
N ALA B 75 31.70 -4.22 26.30
CA ALA B 75 32.92 -4.23 27.10
C ALA B 75 33.68 -2.90 26.99
N GLU B 76 33.85 -2.43 25.77
CA GLU B 76 34.71 -1.26 25.51
C GLU B 76 33.95 0.05 25.39
N PHE B 77 32.65 -0.01 25.12
CA PHE B 77 31.86 1.20 24.88
C PHE B 77 30.57 1.23 25.70
N GLY B 78 29.70 0.24 25.49
CA GLY B 78 28.45 0.15 26.22
C GLY B 78 27.33 -0.50 25.42
N GLU B 79 26.10 -0.29 25.86
CA GLU B 79 24.94 -0.89 25.21
C GLU B 79 24.57 -0.12 23.94
N VAL B 80 24.07 -0.84 22.95
CA VAL B 80 23.69 -0.23 21.68
C VAL B 80 22.35 0.49 21.80
N ASP B 81 22.32 1.75 21.37
CA ASP B 81 21.10 2.55 21.38
C ASP B 81 20.46 2.57 19.99
N ILE B 82 21.30 2.50 18.96
CA ILE B 82 20.85 2.60 17.58
C ILE B 82 21.41 1.46 16.73
N LEU B 83 20.52 0.76 16.03
CA LEU B 83 20.90 -0.36 15.17
C LEU B 83 20.55 -0.08 13.71
N VAL B 84 21.57 -0.06 12.86
CA VAL B 84 21.38 0.14 11.42
C VAL B 84 21.81 -1.10 10.66
N ASN B 85 20.84 -1.76 10.04
CA ASN B 85 21.09 -2.98 9.27
C ASN B 85 21.34 -2.70 7.80
N ASN B 86 22.57 -2.93 7.36
CA ASN B 86 22.97 -2.74 5.98
C ASN B 86 23.98 -3.80 5.58
N ALA B 87 23.65 -5.06 5.88
CA ALA B 87 24.51 -6.19 5.56
C ALA B 87 23.88 -7.07 4.49
N GLY B 88 23.02 -6.48 3.67
CA GLY B 88 22.32 -7.21 2.63
C GLY B 88 23.23 -7.57 1.46
N ILE B 89 22.87 -8.66 0.78
CA ILE B 89 23.60 -9.09 -0.42
C ILE B 89 22.61 -9.56 -1.49
N THR B 90 23.13 -9.89 -2.67
CA THR B 90 22.28 -10.35 -3.77
C THR B 90 22.87 -11.55 -4.50
N ARG B 91 21.99 -12.46 -4.91
CA ARG B 91 22.37 -13.64 -5.67
C ARG B 91 21.34 -13.83 -6.79
N ASP B 92 21.41 -12.96 -7.80
CA ASP B 92 20.39 -12.92 -8.84
C ASP B 92 20.36 -14.19 -9.69
N ASN B 93 19.13 -14.60 -10.04
CA ASN B 93 18.91 -15.74 -10.91
C ASN B 93 17.42 -15.94 -11.13
N LEU B 94 17.04 -16.45 -12.30
CA LEU B 94 15.64 -16.79 -12.57
C LEU B 94 15.25 -17.97 -11.67
N LEU B 95 13.95 -18.12 -11.43
CA LEU B 95 13.45 -19.14 -10.52
C LEU B 95 13.98 -20.52 -10.85
N MET B 96 13.91 -20.91 -12.12
CA MET B 96 14.38 -22.21 -12.56
C MET B 96 15.89 -22.34 -12.34
N ARG B 97 16.60 -21.23 -12.49
CA ARG B 97 18.06 -21.22 -12.40
C ARG B 97 18.56 -20.87 -11.01
N MET B 98 17.64 -20.58 -10.08
CA MET B 98 18.03 -20.29 -8.71
C MET B 98 18.09 -21.58 -7.90
N LYS B 99 19.26 -21.86 -7.33
CA LYS B 99 19.46 -23.05 -6.51
C LYS B 99 19.20 -22.74 -5.04
N ASP B 100 18.86 -23.77 -4.28
CA ASP B 100 18.48 -23.61 -2.87
C ASP B 100 19.56 -22.88 -2.07
N ASP B 101 20.80 -23.06 -2.49
CA ASP B 101 21.92 -22.38 -1.84
C ASP B 101 21.79 -20.86 -2.00
N GLU B 102 21.44 -20.43 -3.21
CA GLU B 102 21.33 -19.01 -3.51
C GLU B 102 20.14 -18.36 -2.81
N TRP B 103 19.04 -19.09 -2.70
CA TRP B 103 17.87 -18.59 -2.01
C TRP B 103 18.13 -18.39 -0.52
N GLN B 104 18.58 -19.45 0.14
CA GLN B 104 18.74 -19.44 1.59
C GLN B 104 19.86 -18.49 2.04
N ASP B 105 20.83 -18.24 1.17
CA ASP B 105 21.90 -17.30 1.50
C ASP B 105 21.35 -15.89 1.66
N ILE B 106 20.35 -15.55 0.87
CA ILE B 106 19.72 -14.24 0.94
C ILE B 106 18.80 -14.14 2.16
N ILE B 107 17.97 -15.16 2.37
CA ILE B 107 17.05 -15.18 3.50
C ILE B 107 17.81 -15.07 4.82
N ASP B 108 18.93 -15.80 4.92
CA ASP B 108 19.72 -15.78 6.13
C ASP B 108 20.42 -14.44 6.33
N THR B 109 20.91 -13.86 5.24
CA THR B 109 21.74 -12.67 5.31
C THR B 109 20.91 -11.37 5.36
N ASN B 110 19.78 -11.36 4.66
CA ASN B 110 19.00 -10.14 4.51
C ASN B 110 17.81 -10.02 5.46
N LEU B 111 17.23 -11.17 5.85
CA LEU B 111 16.02 -11.19 6.67
C LEU B 111 16.29 -11.72 8.09
N THR B 112 16.72 -12.97 8.17
CA THR B 112 16.94 -13.62 9.46
C THR B 112 17.94 -12.86 10.31
N SER B 113 18.93 -12.25 9.65
CA SER B 113 19.94 -11.46 10.34
C SER B 113 19.30 -10.31 11.11
N VAL B 114 18.29 -9.69 10.50
CA VAL B 114 17.57 -8.59 11.12
C VAL B 114 16.83 -9.08 12.36
N PHE B 115 16.30 -10.29 12.29
CA PHE B 115 15.61 -10.88 13.44
C PHE B 115 16.60 -11.16 14.56
N ARG B 116 17.77 -11.68 14.22
CA ARG B 116 18.78 -12.04 15.21
C ARG B 116 19.35 -10.80 15.90
N LEU B 117 19.74 -9.81 15.11
CA LEU B 117 20.36 -8.61 15.64
C LEU B 117 19.38 -7.76 16.46
N SER B 118 18.13 -7.70 16.01
CA SER B 118 17.11 -6.93 16.71
C SER B 118 16.84 -7.51 18.09
N LYS B 119 16.75 -8.83 18.16
CA LYS B 119 16.49 -9.52 19.41
C LYS B 119 17.64 -9.34 20.40
N ALA B 120 18.86 -9.26 19.87
CA ALA B 120 20.06 -9.21 20.69
C ALA B 120 20.22 -7.86 21.39
N VAL B 121 19.64 -6.81 20.80
CA VAL B 121 19.77 -5.47 21.35
C VAL B 121 18.49 -4.97 22.03
N MET B 122 17.45 -5.80 22.03
CA MET B 122 16.14 -5.38 22.52
C MET B 122 16.08 -5.26 24.03
N ARG B 123 16.83 -6.12 24.73
CA ARG B 123 16.86 -6.10 26.18
C ARG B 123 17.32 -4.74 26.71
N ALA B 124 18.43 -4.24 26.18
CA ALA B 124 19.04 -3.01 26.66
C ALA B 124 18.25 -1.78 26.24
N MET B 125 17.62 -1.84 25.07
CA MET B 125 16.84 -0.72 24.56
C MET B 125 15.61 -0.47 25.45
N MET B 126 14.94 -1.54 25.85
CA MET B 126 13.79 -1.42 26.73
C MET B 126 14.20 -1.01 28.13
N LYS B 127 15.40 -1.44 28.54
CA LYS B 127 15.95 -1.06 29.83
C LYS B 127 16.23 0.44 29.86
N LYS B 128 16.79 0.95 28.77
CA LYS B 128 17.04 2.38 28.62
C LYS B 128 15.75 3.12 28.26
N ARG B 129 14.74 2.35 27.85
CA ARG B 129 13.46 2.91 27.41
C ARG B 129 13.66 3.81 26.20
N PHE B 130 14.72 3.55 25.45
CA PHE B 130 14.97 4.21 24.18
C PHE B 130 15.66 3.25 23.23
N GLY B 131 15.27 3.28 21.96
CA GLY B 131 15.88 2.42 20.97
C GLY B 131 15.54 2.85 19.56
N ARG B 132 16.46 2.57 18.64
CA ARG B 132 16.26 2.83 17.23
C ARG B 132 16.74 1.65 16.40
N ILE B 133 15.83 1.07 15.63
CA ILE B 133 16.17 0.00 14.69
C ILE B 133 15.76 0.44 13.30
N ILE B 134 16.75 0.57 12.42
CA ILE B 134 16.54 1.02 11.06
C ILE B 134 17.18 0.04 10.08
N THR B 135 16.39 -0.42 9.11
CA THR B 135 16.87 -1.40 8.15
C THR B 135 16.84 -0.84 6.74
N ILE B 136 17.92 -1.08 6.00
CA ILE B 136 18.03 -0.62 4.62
C ILE B 136 17.62 -1.73 3.66
N GLY B 137 16.61 -1.43 2.84
CA GLY B 137 16.18 -2.33 1.78
C GLY B 137 16.02 -1.60 0.46
N SER B 138 16.87 -1.92 -0.51
CA SER B 138 16.91 -1.19 -1.78
C SER B 138 16.30 -2.01 -2.91
N GLY B 147 16.12 -12.27 -12.44
CA GLY B 147 15.26 -12.79 -11.40
C GLY B 147 15.80 -12.45 -10.02
N GLN B 148 14.92 -11.96 -9.15
CA GLN B 148 15.30 -11.55 -7.80
C GLN B 148 14.22 -11.91 -6.79
N VAL B 149 13.60 -13.08 -6.97
CA VAL B 149 12.53 -13.50 -6.08
C VAL B 149 13.02 -13.68 -4.65
N ASN B 150 14.30 -13.98 -4.49
CA ASN B 150 14.88 -14.17 -3.16
C ASN B 150 15.14 -12.86 -2.44
N TYR B 151 15.71 -11.89 -3.15
CA TYR B 151 15.96 -10.57 -2.59
C TYR B 151 14.64 -9.84 -2.31
N ALA B 152 13.68 -10.04 -3.20
CA ALA B 152 12.38 -9.38 -3.06
C ALA B 152 11.62 -9.91 -1.86
N ALA B 153 11.74 -11.21 -1.61
CA ALA B 153 11.08 -11.84 -0.48
C ALA B 153 11.69 -11.35 0.82
N ALA B 154 13.01 -11.24 0.85
CA ALA B 154 13.73 -10.77 2.03
C ALA B 154 13.37 -9.31 2.32
N LYS B 155 13.36 -8.49 1.27
CA LYS B 155 13.02 -7.09 1.40
C LYS B 155 11.63 -6.90 2.00
N ALA B 156 10.66 -7.64 1.47
CA ALA B 156 9.28 -7.55 1.92
C ALA B 156 9.15 -8.08 3.34
N GLY B 157 9.87 -9.16 3.64
CA GLY B 157 9.84 -9.75 4.96
C GLY B 157 10.32 -8.79 6.02
N VAL B 158 11.40 -8.08 5.72
CA VAL B 158 11.95 -7.09 6.63
C VAL B 158 10.90 -6.06 6.99
N ILE B 159 10.13 -5.63 5.99
CA ILE B 159 9.07 -4.66 6.20
C ILE B 159 7.93 -5.26 7.03
N GLY B 160 7.58 -6.51 6.73
CA GLY B 160 6.56 -7.21 7.48
C GLY B 160 7.03 -7.42 8.92
N PHE B 161 8.31 -7.72 9.06
CA PHE B 161 8.92 -7.86 10.37
C PHE B 161 8.90 -6.54 11.12
N SER B 162 9.38 -5.49 10.46
CA SER B 162 9.51 -4.17 11.08
C SER B 162 8.16 -3.60 11.52
N LYS B 163 7.13 -3.80 10.69
CA LYS B 163 5.80 -3.32 11.02
C LYS B 163 5.22 -4.10 12.20
N SER B 164 5.53 -5.39 12.26
CA SER B 164 5.05 -6.24 13.34
C SER B 164 5.74 -5.89 14.65
N LEU B 165 7.07 -5.75 14.60
CA LEU B 165 7.85 -5.46 15.80
C LEU B 165 7.58 -4.06 16.31
N ALA B 166 7.47 -3.10 15.38
CA ALA B 166 7.19 -1.72 15.73
C ALA B 166 5.93 -1.62 16.57
N ARG B 167 4.93 -2.42 16.21
CA ARG B 167 3.65 -2.44 16.91
C ARG B 167 3.79 -3.10 18.28
N GLU B 168 4.72 -4.04 18.39
CA GLU B 168 4.91 -4.82 19.61
C GLU B 168 5.60 -4.02 20.71
N VAL B 169 6.59 -3.20 20.32
CA VAL B 169 7.46 -2.51 21.27
C VAL B 169 7.28 -0.99 21.22
N ALA B 170 6.14 -0.53 20.71
CA ALA B 170 5.91 0.89 20.48
C ALA B 170 6.02 1.73 21.75
N SER B 171 5.27 1.36 22.78
CA SER B 171 5.22 2.15 24.01
C SER B 171 6.48 2.02 24.85
N ARG B 172 7.40 1.16 24.41
CA ARG B 172 8.65 0.93 25.15
C ARG B 172 9.71 1.98 24.83
N GLY B 173 9.34 2.96 24.01
CA GLY B 173 10.27 4.02 23.62
C GLY B 173 11.20 3.59 22.50
N ILE B 174 10.79 2.56 21.77
CA ILE B 174 11.59 2.03 20.68
C ILE B 174 10.82 2.16 19.37
N THR B 175 11.52 2.56 18.31
CA THR B 175 10.93 2.65 16.98
C THR B 175 11.66 1.73 16.03
N VAL B 176 10.90 1.02 15.19
CA VAL B 176 11.45 0.11 14.20
C VAL B 176 10.98 0.51 12.81
N ASN B 177 11.91 0.97 11.99
CA ASN B 177 11.57 1.49 10.66
C ASN B 177 12.44 0.90 9.56
N VAL B 178 12.10 1.27 8.33
CA VAL B 178 12.83 0.83 7.15
C VAL B 178 13.09 2.02 6.25
N VAL B 179 14.30 2.08 5.71
CA VAL B 179 14.64 3.08 4.69
C VAL B 179 14.83 2.37 3.37
N ALA B 180 14.15 2.85 2.33
CA ALA B 180 14.16 2.19 1.04
C ALA B 180 14.70 3.09 -0.07
N PRO B 181 16.02 3.00 -0.33
CA PRO B 181 16.63 3.77 -1.42
C PRO B 181 16.15 3.33 -2.80
N GLY B 182 16.43 4.14 -3.81
CA GLY B 182 16.07 3.82 -5.18
C GLY B 182 17.19 3.09 -5.92
N ASP B 211 22.23 10.04 -3.77
CA ASP B 211 23.52 10.08 -3.09
C ASP B 211 23.41 9.36 -1.75
N ALA B 212 24.47 8.65 -1.37
CA ALA B 212 24.49 7.90 -0.13
C ALA B 212 24.36 8.83 1.07
N LYS B 213 24.77 10.08 0.89
CA LYS B 213 24.66 11.09 1.94
C LYS B 213 23.20 11.35 2.29
N GLU B 214 22.34 11.29 1.28
CA GLU B 214 20.92 11.57 1.47
C GLU B 214 20.20 10.38 2.08
N ILE B 215 20.75 9.18 1.86
CA ILE B 215 20.25 7.99 2.54
C ILE B 215 20.62 8.07 4.02
N ALA B 216 21.76 8.71 4.30
CA ALA B 216 22.20 8.90 5.67
C ALA B 216 21.32 9.93 6.39
N SER B 217 20.95 10.99 5.68
CA SER B 217 20.09 12.03 6.24
C SER B 217 18.76 11.47 6.70
N ALA B 218 18.23 10.52 5.92
CA ALA B 218 16.97 9.88 6.25
C ALA B 218 17.13 8.98 7.47
N VAL B 219 18.22 8.22 7.48
CA VAL B 219 18.52 7.33 8.59
C VAL B 219 18.78 8.13 9.87
N ALA B 220 19.44 9.27 9.72
CA ALA B 220 19.76 10.12 10.87
C ALA B 220 18.50 10.69 11.50
N PHE B 221 17.55 11.12 10.66
CA PHE B 221 16.30 11.70 11.14
C PHE B 221 15.48 10.70 11.96
N LEU B 222 15.40 9.47 11.48
CA LEU B 222 14.63 8.43 12.16
C LEU B 222 15.28 8.03 13.48
N ALA B 223 16.61 8.05 13.51
CA ALA B 223 17.35 7.68 14.71
C ALA B 223 17.36 8.80 15.75
N SER B 224 17.07 10.02 15.30
CA SER B 224 17.07 11.17 16.19
C SER B 224 15.83 11.20 17.08
N ASP B 225 15.75 12.22 17.93
CA ASP B 225 14.63 12.36 18.86
C ASP B 225 13.44 13.07 18.22
N GLU B 226 13.54 13.35 16.92
CA GLU B 226 12.47 14.02 16.20
C GLU B 226 11.57 13.04 15.45
N ALA B 227 11.92 11.75 15.52
CA ALA B 227 11.12 10.70 14.89
C ALA B 227 10.73 9.66 15.93
N SER B 228 10.60 10.10 17.18
CA SER B 228 10.32 9.22 18.29
C SER B 228 8.98 8.50 18.13
N TYR B 229 8.06 9.15 17.43
CA TYR B 229 6.73 8.58 17.23
C TYR B 229 6.50 8.27 15.76
N ILE B 230 7.59 8.11 15.02
CA ILE B 230 7.55 7.51 13.69
C ILE B 230 8.13 6.10 13.84
N SER B 231 7.27 5.10 13.66
CA SER B 231 7.67 3.71 13.85
C SER B 231 6.85 2.77 12.98
N GLY B 232 7.50 1.74 12.44
CA GLY B 232 6.84 0.80 11.56
C GLY B 232 6.58 1.41 10.19
N GLU B 233 7.41 2.39 9.84
CA GLU B 233 7.26 3.11 8.58
C GLU B 233 8.30 2.66 7.57
N THR B 234 7.97 2.81 6.29
CA THR B 234 8.93 2.58 5.21
C THR B 234 9.18 3.90 4.47
N LEU B 235 10.28 4.57 4.82
CA LEU B 235 10.62 5.86 4.25
C LEU B 235 11.36 5.71 2.93
N HIS B 236 10.69 6.02 1.82
CA HIS B 236 11.28 5.89 0.49
C HIS B 236 12.06 7.14 0.10
N VAL B 237 13.25 6.94 -0.46
CA VAL B 237 14.10 8.02 -0.95
C VAL B 237 14.48 7.72 -2.40
N ASN B 238 13.58 8.05 -3.33
CA ASN B 238 13.75 7.68 -4.73
C ASN B 238 13.48 8.81 -5.71
N GLY B 239 12.84 9.88 -5.24
CA GLY B 239 12.50 11.00 -6.11
C GLY B 239 11.15 10.83 -6.79
N GLY B 240 10.39 9.82 -6.38
CA GLY B 240 9.01 9.68 -6.80
C GLY B 240 8.65 8.44 -7.60
N MET B 241 9.67 7.73 -8.12
CA MET B 241 9.51 6.56 -9.01
C MET B 241 8.08 6.20 -9.39
N MET C 1 -14.46 -20.72 -16.79
CA MET C 1 -15.59 -21.67 -16.62
C MET C 1 -15.19 -22.81 -15.66
N SER C 2 -14.98 -24.01 -16.21
CA SER C 2 -14.67 -25.19 -15.41
C SER C 2 -13.21 -25.58 -15.55
N PHE C 3 -12.74 -26.44 -14.65
CA PHE C 3 -11.35 -26.88 -14.64
C PHE C 3 -11.18 -28.24 -15.30
N GLU C 4 -12.05 -28.54 -16.25
CA GLU C 4 -11.97 -29.77 -17.03
C GLU C 4 -10.57 -29.91 -17.64
N GLY C 5 -9.87 -30.96 -17.26
CA GLY C 5 -8.54 -31.22 -17.78
C GLY C 5 -7.47 -30.38 -17.13
N LYS C 6 -7.56 -30.23 -15.82
CA LYS C 6 -6.57 -29.48 -15.04
C LYS C 6 -6.22 -30.23 -13.76
N ILE C 7 -4.92 -30.31 -13.46
CA ILE C 7 -4.44 -30.95 -12.23
C ILE C 7 -4.02 -29.87 -11.22
N ALA C 8 -4.57 -29.97 -10.01
CA ALA C 8 -4.34 -28.99 -8.96
C ALA C 8 -3.72 -29.61 -7.71
N LEU C 9 -2.62 -29.03 -7.25
CA LEU C 9 -1.98 -29.45 -6.00
C LEU C 9 -2.33 -28.47 -4.88
N VAL C 10 -3.02 -28.98 -3.86
CA VAL C 10 -3.43 -28.18 -2.73
C VAL C 10 -2.73 -28.67 -1.46
N THR C 11 -1.64 -28.00 -1.10
CA THR C 11 -0.91 -28.37 0.10
C THR C 11 -1.72 -28.03 1.35
N GLY C 12 -1.73 -28.95 2.31
CA GLY C 12 -2.50 -28.76 3.53
C GLY C 12 -3.98 -28.68 3.25
N ALA C 13 -4.56 -29.81 2.83
CA ALA C 13 -5.97 -29.88 2.44
C ALA C 13 -6.77 -30.75 3.40
N SER C 14 -6.29 -30.87 4.63
CA SER C 14 -6.95 -31.72 5.63
C SER C 14 -8.32 -31.19 6.01
N ARG C 15 -8.40 -29.89 6.29
CA ARG C 15 -9.66 -29.31 6.75
C ARG C 15 -9.72 -27.80 6.52
N GLY C 16 -10.88 -27.22 6.80
CA GLY C 16 -11.07 -25.79 6.73
C GLY C 16 -10.86 -25.20 5.34
N ILE C 17 -9.93 -24.25 5.26
CA ILE C 17 -9.65 -23.56 4.02
C ILE C 17 -9.12 -24.51 2.95
N GLY C 18 -8.15 -25.33 3.33
CA GLY C 18 -7.54 -26.27 2.39
C GLY C 18 -8.55 -27.22 1.78
N ARG C 19 -9.43 -27.77 2.62
CA ARG C 19 -10.43 -28.72 2.16
C ARG C 19 -11.47 -28.05 1.28
N ALA C 20 -11.94 -26.88 1.72
CA ALA C 20 -12.94 -26.12 0.97
C ALA C 20 -12.44 -25.77 -0.42
N ILE C 21 -11.15 -25.49 -0.52
CA ILE C 21 -10.53 -25.21 -1.81
C ILE C 21 -10.56 -26.46 -2.69
N ALA C 22 -10.09 -27.57 -2.12
CA ALA C 22 -10.01 -28.82 -2.87
C ALA C 22 -11.39 -29.28 -3.33
N GLU C 23 -12.38 -29.20 -2.44
CA GLU C 23 -13.73 -29.65 -2.76
C GLU C 23 -14.38 -28.84 -3.87
N LEU C 24 -14.08 -27.54 -3.91
CA LEU C 24 -14.69 -26.65 -4.90
C LEU C 24 -14.05 -26.80 -6.28
N LEU C 25 -12.77 -27.13 -6.30
CA LEU C 25 -12.06 -27.35 -7.57
C LEU C 25 -12.55 -28.62 -8.25
N VAL C 26 -12.72 -29.69 -7.46
CA VAL C 26 -13.20 -30.96 -7.97
C VAL C 26 -14.61 -30.81 -8.54
N GLU C 27 -15.46 -30.05 -7.85
CA GLU C 27 -16.82 -29.84 -8.29
C GLU C 27 -16.86 -29.17 -9.65
N ARG C 28 -15.79 -28.45 -9.99
CA ARG C 28 -15.71 -27.72 -11.25
C ARG C 28 -14.80 -28.43 -12.25
N GLY C 29 -14.60 -29.73 -12.06
CA GLY C 29 -13.96 -30.57 -13.05
C GLY C 29 -12.48 -30.80 -12.90
N ALA C 30 -11.89 -30.29 -11.82
CA ALA C 30 -10.45 -30.44 -11.61
C ALA C 30 -10.09 -31.79 -10.97
N CYS C 31 -8.92 -32.30 -11.33
CA CYS C 31 -8.34 -33.44 -10.64
C CYS C 31 -7.41 -32.92 -9.55
N VAL C 32 -7.85 -33.05 -8.31
CA VAL C 32 -7.19 -32.37 -7.18
C VAL C 32 -6.36 -33.32 -6.32
N ILE C 33 -5.14 -32.89 -6.00
CA ILE C 33 -4.27 -33.62 -5.09
C ILE C 33 -4.03 -32.81 -3.81
N GLY C 34 -4.64 -33.25 -2.72
CA GLY C 34 -4.49 -32.59 -1.43
C GLY C 34 -3.44 -33.27 -0.59
N THR C 35 -2.75 -32.51 0.26
CA THR C 35 -1.69 -33.09 1.09
C THR C 35 -1.93 -32.80 2.58
N ALA C 36 -1.30 -33.62 3.41
CA ALA C 36 -1.32 -33.42 4.86
C ALA C 36 0.07 -33.75 5.42
N THR C 37 0.27 -33.45 6.70
CA THR C 37 1.57 -33.68 7.34
C THR C 37 1.78 -35.13 7.74
N SER C 38 0.67 -35.85 7.95
CA SER C 38 0.72 -37.27 8.33
C SER C 38 0.05 -38.13 7.26
N GLU C 39 0.39 -39.40 7.25
CA GLU C 39 -0.24 -40.35 6.33
C GLU C 39 -1.72 -40.48 6.65
N LYS C 40 -2.04 -40.43 7.95
CA LYS C 40 -3.41 -40.48 8.41
C LYS C 40 -4.23 -39.37 7.78
N GLY C 41 -3.67 -38.18 7.75
CA GLY C 41 -4.33 -37.03 7.15
C GLY C 41 -4.60 -37.25 5.67
N ALA C 42 -3.61 -37.80 4.98
CA ALA C 42 -3.71 -38.06 3.54
C ALA C 42 -4.85 -39.02 3.22
N GLU C 43 -4.97 -40.08 4.01
CA GLU C 43 -6.03 -41.06 3.77
C GLU C 43 -7.39 -40.40 3.91
N ALA C 44 -7.52 -39.50 4.87
CA ALA C 44 -8.76 -38.76 5.07
C ALA C 44 -9.05 -37.88 3.87
N ILE C 45 -7.99 -37.32 3.27
CA ILE C 45 -8.14 -36.48 2.09
C ILE C 45 -8.56 -37.33 0.89
N SER C 46 -7.93 -38.49 0.75
CA SER C 46 -8.28 -39.43 -0.33
C SER C 46 -9.72 -39.89 -0.21
N ALA C 47 -10.25 -39.87 1.01
CA ALA C 47 -11.61 -40.34 1.27
C ALA C 47 -12.65 -39.41 0.67
N TYR C 48 -12.59 -38.12 1.03
CA TYR C 48 -13.61 -37.18 0.57
C TYR C 48 -13.34 -36.73 -0.88
N LEU C 49 -12.13 -36.98 -1.37
CA LEU C 49 -11.81 -36.70 -2.76
C LEU C 49 -12.29 -37.83 -3.67
N GLY C 50 -12.22 -39.06 -3.15
CA GLY C 50 -12.61 -40.23 -3.91
C GLY C 50 -11.68 -40.46 -5.09
N GLU C 51 -12.26 -40.74 -6.25
CA GLU C 51 -11.49 -40.98 -7.46
C GLU C 51 -11.26 -39.68 -8.23
N ASN C 52 -11.90 -38.61 -7.79
CA ASN C 52 -11.71 -37.28 -8.38
C ASN C 52 -10.35 -36.69 -8.00
N GLY C 53 -9.56 -37.46 -7.25
CA GLY C 53 -8.25 -37.01 -6.82
C GLY C 53 -7.58 -38.04 -5.92
N LYS C 54 -6.65 -37.56 -5.09
CA LYS C 54 -5.95 -38.45 -4.17
C LYS C 54 -5.27 -37.65 -3.06
N GLY C 55 -5.10 -38.28 -1.91
CA GLY C 55 -4.46 -37.65 -0.78
C GLY C 55 -3.05 -38.16 -0.56
N LEU C 56 -2.10 -37.24 -0.53
CA LEU C 56 -0.69 -37.57 -0.34
C LEU C 56 -0.19 -37.02 0.99
N MET C 57 0.97 -37.50 1.43
CA MET C 57 1.65 -36.95 2.61
C MET C 57 2.80 -36.07 2.14
N LEU C 58 2.90 -34.87 2.72
CA LEU C 58 3.89 -33.89 2.28
C LEU C 58 4.55 -33.15 3.43
N ASN C 59 5.87 -33.07 3.37
CA ASN C 59 6.67 -32.25 4.28
C ASN C 59 7.28 -31.12 3.46
N VAL C 60 6.61 -29.98 3.46
CA VAL C 60 6.96 -28.87 2.57
C VAL C 60 8.34 -28.28 2.84
N VAL C 61 8.94 -28.63 3.97
CA VAL C 61 10.27 -28.15 4.32
C VAL C 61 11.33 -29.15 3.86
N ASP C 62 10.92 -30.39 3.62
CA ASP C 62 11.84 -31.44 3.18
C ASP C 62 11.91 -31.50 1.65
N PRO C 63 13.09 -31.19 1.07
CA PRO C 63 13.21 -31.26 -0.39
C PRO C 63 13.01 -32.67 -0.93
N THR C 64 13.44 -33.68 -0.17
CA THR C 64 13.29 -35.07 -0.57
C THR C 64 11.81 -35.43 -0.68
N SER C 65 11.00 -34.86 0.22
CA SER C 65 9.58 -35.14 0.23
C SER C 65 8.86 -34.46 -0.93
N ILE C 66 9.24 -33.22 -1.22
CA ILE C 66 8.65 -32.47 -2.32
C ILE C 66 8.88 -33.17 -3.66
N ASP C 67 10.04 -33.79 -3.80
CA ASP C 67 10.36 -34.52 -5.03
C ASP C 67 9.52 -35.79 -5.13
N THR C 68 9.34 -36.44 -3.99
CA THR C 68 8.59 -37.70 -3.93
C THR C 68 7.11 -37.49 -4.25
N VAL C 69 6.51 -36.46 -3.67
CA VAL C 69 5.09 -36.19 -3.86
C VAL C 69 4.79 -35.80 -5.31
N LEU C 70 5.66 -35.00 -5.90
CA LEU C 70 5.46 -34.55 -7.28
C LEU C 70 5.66 -35.70 -8.26
N ALA C 71 6.68 -36.52 -8.01
CA ALA C 71 6.95 -37.68 -8.84
C ALA C 71 5.76 -38.62 -8.86
N THR C 72 5.14 -38.80 -7.70
CA THR C 72 3.94 -39.61 -7.56
C THR C 72 2.82 -39.05 -8.43
N ILE C 73 2.70 -37.72 -8.44
CA ILE C 73 1.66 -37.04 -9.21
C ILE C 73 1.92 -37.13 -10.72
N ARG C 74 3.18 -36.92 -11.11
CA ARG C 74 3.54 -36.99 -12.52
C ARG C 74 3.40 -38.40 -13.07
N ALA C 75 3.55 -39.39 -12.19
CA ALA C 75 3.44 -40.78 -12.59
C ALA C 75 1.99 -41.20 -12.79
N GLU C 76 1.16 -40.91 -11.80
CA GLU C 76 -0.20 -41.45 -11.74
C GLU C 76 -1.25 -40.56 -12.40
N PHE C 77 -0.96 -39.27 -12.49
CA PHE C 77 -1.94 -38.31 -13.02
C PHE C 77 -1.38 -37.45 -14.15
N GLY C 78 -0.30 -36.73 -13.87
CA GLY C 78 0.31 -35.86 -14.87
C GLY C 78 0.95 -34.63 -14.25
N GLU C 79 1.27 -33.66 -15.09
CA GLU C 79 1.94 -32.44 -14.64
C GLU C 79 0.94 -31.52 -13.95
N VAL C 80 1.39 -30.86 -12.89
CA VAL C 80 0.54 -29.94 -12.14
C VAL C 80 0.30 -28.67 -12.92
N ASP C 81 -0.98 -28.29 -13.04
CA ASP C 81 -1.37 -27.05 -13.70
C ASP C 81 -1.65 -25.94 -12.69
N ILE C 82 -2.09 -26.32 -11.49
CA ILE C 82 -2.47 -25.37 -10.46
C ILE C 82 -1.80 -25.73 -9.12
N LEU C 83 -1.18 -24.72 -8.50
CA LEU C 83 -0.54 -24.90 -7.20
C LEU C 83 -1.16 -23.99 -6.15
N VAL C 84 -1.67 -24.59 -5.08
CA VAL C 84 -2.26 -23.84 -3.98
C VAL C 84 -1.50 -24.09 -2.69
N ASN C 85 -0.77 -23.06 -2.23
CA ASN C 85 0.02 -23.17 -1.01
C ASN C 85 -0.79 -22.78 0.22
N ASN C 86 -1.03 -23.76 1.08
CA ASN C 86 -1.84 -23.57 2.27
C ASN C 86 -1.36 -24.45 3.41
N ALA C 87 -0.03 -24.59 3.51
CA ALA C 87 0.60 -25.42 4.52
C ALA C 87 1.29 -24.56 5.58
N GLY C 88 0.79 -23.35 5.80
CA GLY C 88 1.38 -22.44 6.76
C GLY C 88 1.09 -22.85 8.20
N ILE C 89 1.99 -22.48 9.10
CA ILE C 89 1.81 -22.72 10.53
C ILE C 89 2.20 -21.48 11.33
N THR C 90 2.00 -21.54 12.65
CA THR C 90 2.28 -20.41 13.54
C THR C 90 3.03 -20.84 14.79
N ARG C 91 3.91 -19.97 15.26
CA ARG C 91 4.64 -20.17 16.50
C ARG C 91 4.76 -18.84 17.23
N ASP C 92 3.65 -18.38 17.78
CA ASP C 92 3.58 -17.04 18.37
C ASP C 92 4.47 -16.89 19.59
N ASN C 93 5.12 -15.72 19.67
CA ASN C 93 5.98 -15.37 20.80
C ASN C 93 6.45 -13.94 20.66
N LEU C 94 6.61 -13.26 21.78
CA LEU C 94 7.20 -11.93 21.76
C LEU C 94 8.66 -12.09 21.32
N LEU C 95 9.22 -11.05 20.70
CA LEU C 95 10.54 -11.11 20.09
C LEU C 95 11.58 -11.77 20.98
N MET C 96 11.61 -11.36 22.25
CA MET C 96 12.63 -11.85 23.16
C MET C 96 12.35 -13.26 23.67
N ARG C 97 11.09 -13.66 23.65
CA ARG C 97 10.72 -15.01 24.06
C ARG C 97 10.58 -15.95 22.86
N MET C 98 10.95 -15.46 21.68
CA MET C 98 10.94 -16.28 20.47
C MET C 98 12.33 -16.84 20.18
N LYS C 99 12.46 -18.16 20.24
CA LYS C 99 13.73 -18.83 19.97
C LYS C 99 13.97 -18.93 18.47
N ASP C 100 15.24 -19.11 18.08
CA ASP C 100 15.62 -19.19 16.67
C ASP C 100 14.91 -20.35 15.98
N ASP C 101 14.63 -21.41 16.74
CA ASP C 101 13.90 -22.56 16.23
C ASP C 101 12.53 -22.15 15.74
N GLU C 102 11.83 -21.32 16.52
CA GLU C 102 10.48 -20.90 16.18
C GLU C 102 10.47 -19.94 15.00
N TRP C 103 11.49 -19.09 14.90
CA TRP C 103 11.60 -18.18 13.77
C TRP C 103 11.87 -18.96 12.49
N GLN C 104 12.92 -19.77 12.51
CA GLN C 104 13.36 -20.47 11.31
C GLN C 104 12.33 -21.49 10.82
N ASP C 105 11.59 -22.08 11.76
CA ASP C 105 10.55 -23.05 11.40
C ASP C 105 9.45 -22.40 10.56
N ILE C 106 9.10 -21.16 10.90
CA ILE C 106 8.07 -20.43 10.16
C ILE C 106 8.57 -19.99 8.79
N ILE C 107 9.79 -19.45 8.75
CA ILE C 107 10.38 -19.01 7.49
C ILE C 107 10.47 -20.20 6.54
N ASP C 108 10.87 -21.35 7.07
CA ASP C 108 10.99 -22.56 6.26
C ASP C 108 9.63 -23.06 5.78
N THR C 109 8.64 -23.05 6.68
CA THR C 109 7.34 -23.63 6.39
C THR C 109 6.44 -22.72 5.56
N ASN C 110 6.47 -21.42 5.85
CA ASN C 110 5.53 -20.48 5.25
C ASN C 110 6.08 -19.71 4.06
N LEU C 111 7.40 -19.52 4.01
CA LEU C 111 8.02 -18.72 2.96
C LEU C 111 8.88 -19.56 2.03
N THR C 112 9.91 -20.20 2.57
CA THR C 112 10.87 -20.98 1.77
C THR C 112 10.17 -22.07 0.97
N SER C 113 9.13 -22.65 1.56
CA SER C 113 8.38 -23.72 0.92
C SER C 113 7.74 -23.25 -0.38
N VAL C 114 7.28 -22.01 -0.40
CA VAL C 114 6.63 -21.45 -1.56
C VAL C 114 7.63 -21.29 -2.71
N PHE C 115 8.89 -21.02 -2.37
CA PHE C 115 9.95 -20.93 -3.37
C PHE C 115 10.25 -22.31 -3.96
N ARG C 116 10.26 -23.32 -3.12
CA ARG C 116 10.57 -24.68 -3.55
C ARG C 116 9.47 -25.26 -4.44
N LEU C 117 8.24 -25.16 -3.99
CA LEU C 117 7.11 -25.73 -4.70
C LEU C 117 6.86 -25.02 -6.03
N SER C 118 7.08 -23.71 -6.06
CA SER C 118 6.94 -22.95 -7.29
C SER C 118 7.98 -23.38 -8.30
N LYS C 119 9.23 -23.47 -7.83
CA LYS C 119 10.36 -23.84 -8.67
C LYS C 119 10.20 -25.23 -9.29
N ALA C 120 9.63 -26.16 -8.53
CA ALA C 120 9.51 -27.54 -8.97
C ALA C 120 8.48 -27.71 -10.09
N VAL C 121 7.45 -26.87 -10.08
CA VAL C 121 6.34 -27.01 -11.03
C VAL C 121 6.41 -25.99 -12.16
N MET C 122 7.37 -25.08 -12.08
CA MET C 122 7.47 -24.00 -13.06
C MET C 122 7.85 -24.53 -14.45
N ARG C 123 8.72 -25.53 -14.47
CA ARG C 123 9.18 -26.13 -15.72
C ARG C 123 8.01 -26.61 -16.57
N ALA C 124 7.13 -27.39 -15.97
CA ALA C 124 5.99 -27.97 -16.68
C ALA C 124 4.97 -26.91 -17.10
N MET C 125 4.74 -25.93 -16.22
CA MET C 125 3.77 -24.88 -16.48
C MET C 125 4.16 -24.04 -17.69
N MET C 126 5.44 -23.73 -17.79
CA MET C 126 5.94 -22.94 -18.92
C MET C 126 5.85 -23.75 -20.22
N LYS C 127 6.08 -25.05 -20.12
CA LYS C 127 6.02 -25.92 -21.28
C LYS C 127 4.60 -25.99 -21.84
N LYS C 128 3.62 -25.94 -20.95
CA LYS C 128 2.22 -25.93 -21.35
C LYS C 128 1.73 -24.52 -21.67
N ARG C 129 2.58 -23.53 -21.42
CA ARG C 129 2.19 -22.13 -21.58
C ARG C 129 0.96 -21.80 -20.74
N PHE C 130 0.81 -22.51 -19.61
CA PHE C 130 -0.25 -22.22 -18.65
C PHE C 130 0.20 -22.63 -17.24
N GLY C 131 -0.20 -21.82 -16.26
CA GLY C 131 0.13 -22.11 -14.88
C GLY C 131 -0.57 -21.20 -13.89
N ARG C 132 -0.91 -21.75 -12.73
CA ARG C 132 -1.51 -20.99 -11.63
C ARG C 132 -0.80 -21.27 -10.33
N ILE C 133 -0.28 -20.23 -9.69
CA ILE C 133 0.27 -20.35 -8.34
C ILE C 133 -0.46 -19.41 -7.42
N ILE C 134 -1.05 -19.97 -6.37
CA ILE C 134 -1.83 -19.20 -5.41
C ILE C 134 -1.39 -19.57 -4.00
N THR C 135 -1.11 -18.56 -3.19
CA THR C 135 -0.69 -18.78 -1.81
C THR C 135 -1.70 -18.19 -0.85
N ILE C 136 -1.99 -18.95 0.19
CA ILE C 136 -2.96 -18.56 1.20
C ILE C 136 -2.25 -18.04 2.44
N GLY C 137 -2.21 -16.72 2.59
CA GLY C 137 -1.64 -16.07 3.77
C GLY C 137 -2.67 -15.23 4.46
N SER C 138 -2.94 -15.53 5.74
CA SER C 138 -4.00 -14.85 6.47
C SER C 138 -3.41 -13.78 7.39
N GLY C 147 2.67 -11.36 19.61
CA GLY C 147 4.01 -11.63 19.13
C GLY C 147 4.02 -12.56 17.94
N GLN C 148 4.05 -11.99 16.74
CA GLN C 148 3.99 -12.76 15.50
C GLN C 148 4.97 -12.24 14.44
N VAL C 149 6.09 -11.69 14.89
CA VAL C 149 7.07 -11.10 13.98
C VAL C 149 7.57 -12.11 12.94
N ASN C 150 7.52 -13.39 13.30
CA ASN C 150 7.95 -14.45 12.40
C ASN C 150 6.90 -14.72 11.32
N TYR C 151 5.65 -14.88 11.74
CA TYR C 151 4.55 -15.10 10.81
C TYR C 151 4.38 -13.89 9.88
N ALA C 152 4.56 -12.70 10.44
CA ALA C 152 4.42 -11.47 9.68
C ALA C 152 5.52 -11.33 8.63
N ALA C 153 6.73 -11.74 9.00
CA ALA C 153 7.87 -11.66 8.09
C ALA C 153 7.67 -12.63 6.92
N ALA C 154 7.16 -13.81 7.24
CA ALA C 154 6.90 -14.84 6.22
C ALA C 154 5.76 -14.41 5.31
N LYS C 155 4.67 -13.95 5.91
CA LYS C 155 3.51 -13.49 5.16
C LYS C 155 3.92 -12.42 4.16
N ALA C 156 4.80 -11.51 4.59
CA ALA C 156 5.24 -10.41 3.75
C ALA C 156 6.19 -10.90 2.66
N GLY C 157 7.01 -11.89 3.00
CA GLY C 157 7.97 -12.44 2.05
C GLY C 157 7.26 -13.13 0.91
N VAL C 158 6.18 -13.83 1.23
CA VAL C 158 5.37 -14.53 0.23
C VAL C 158 4.78 -13.56 -0.79
N ILE C 159 4.39 -12.39 -0.31
CA ILE C 159 3.81 -11.36 -1.18
C ILE C 159 4.89 -10.74 -2.07
N GLY C 160 6.05 -10.44 -1.50
CA GLY C 160 7.16 -9.91 -2.26
C GLY C 160 7.66 -10.92 -3.29
N PHE C 161 7.65 -12.18 -2.90
CA PHE C 161 8.06 -13.27 -3.79
C PHE C 161 7.11 -13.38 -4.97
N SER C 162 5.81 -13.43 -4.68
CA SER C 162 4.80 -13.62 -5.70
C SER C 162 4.79 -12.49 -6.74
N LYS C 163 4.91 -11.25 -6.26
CA LYS C 163 4.88 -10.10 -7.15
C LYS C 163 6.09 -10.07 -8.07
N SER C 164 7.25 -10.45 -7.53
CA SER C 164 8.47 -10.50 -8.32
C SER C 164 8.38 -11.60 -9.36
N LEU C 165 7.97 -12.79 -8.92
CA LEU C 165 7.82 -13.93 -9.81
C LEU C 165 6.75 -13.67 -10.86
N ALA C 166 5.66 -13.04 -10.44
CA ALA C 166 4.53 -12.75 -11.32
C ALA C 166 5.00 -11.97 -12.54
N ARG C 167 5.93 -11.04 -12.33
CA ARG C 167 6.50 -10.26 -13.41
C ARG C 167 7.44 -11.13 -14.24
N GLU C 168 8.15 -12.02 -13.57
CA GLU C 168 9.21 -12.81 -14.20
C GLU C 168 8.67 -13.84 -15.19
N VAL C 169 7.48 -14.38 -14.91
CA VAL C 169 6.90 -15.41 -15.76
C VAL C 169 5.59 -14.93 -16.38
N ALA C 170 5.44 -13.61 -16.49
CA ALA C 170 4.22 -13.01 -16.99
C ALA C 170 3.94 -13.41 -18.44
N SER C 171 4.97 -13.35 -19.27
CA SER C 171 4.84 -13.62 -20.70
C SER C 171 4.37 -15.05 -20.98
N ARG C 172 4.75 -15.97 -20.10
CA ARG C 172 4.62 -17.40 -20.34
C ARG C 172 3.21 -17.96 -20.09
N GLY C 173 2.27 -17.09 -19.75
CA GLY C 173 0.90 -17.52 -19.51
C GLY C 173 0.69 -18.06 -18.11
N ILE C 174 1.62 -17.72 -17.22
CA ILE C 174 1.56 -18.14 -15.82
C ILE C 174 1.27 -16.95 -14.91
N THR C 175 0.35 -17.13 -13.98
CA THR C 175 0.02 -16.09 -13.00
C THR C 175 0.38 -16.54 -11.60
N VAL C 176 0.77 -15.57 -10.77
CA VAL C 176 1.16 -15.83 -9.39
C VAL C 176 0.46 -14.84 -8.47
N ASN C 177 -0.43 -15.34 -7.62
CA ASN C 177 -1.24 -14.48 -6.76
C ASN C 177 -1.26 -14.94 -5.30
N VAL C 178 -1.92 -14.13 -4.47
CA VAL C 178 -2.08 -14.42 -3.05
C VAL C 178 -3.52 -14.13 -2.63
N VAL C 179 -4.08 -15.00 -1.81
CA VAL C 179 -5.40 -14.76 -1.23
C VAL C 179 -5.25 -14.55 0.27
N ALA C 180 -5.82 -13.45 0.77
CA ALA C 180 -5.67 -13.05 2.17
C ALA C 180 -6.99 -13.06 2.92
N PRO C 181 -7.32 -14.18 3.57
CA PRO C 181 -8.59 -14.28 4.32
C PRO C 181 -8.64 -13.38 5.54
N GLY C 182 -9.81 -13.35 6.18
CA GLY C 182 -9.99 -12.64 7.43
C GLY C 182 -9.60 -13.51 8.61
N PHE C 183 -9.82 -14.81 8.48
CA PHE C 183 -9.36 -15.79 9.46
C PHE C 183 -9.97 -15.54 10.83
N ARG C 208 -19.52 -9.79 9.59
CA ARG C 208 -19.63 -11.19 9.95
C ARG C 208 -18.29 -11.91 9.75
N LEU C 209 -18.02 -12.90 10.58
CA LEU C 209 -16.78 -13.67 10.50
C LEU C 209 -16.70 -14.47 9.21
N GLY C 210 -15.48 -14.62 8.69
CA GLY C 210 -15.25 -15.25 7.40
C GLY C 210 -15.74 -16.68 7.27
N ASP C 211 -15.85 -17.12 6.03
CA ASP C 211 -16.31 -18.47 5.70
C ASP C 211 -15.33 -19.09 4.70
N ALA C 212 -14.85 -20.30 5.01
CA ALA C 212 -13.89 -20.98 4.15
C ALA C 212 -14.45 -21.21 2.74
N LYS C 213 -15.77 -21.27 2.65
CA LYS C 213 -16.44 -21.49 1.39
C LYS C 213 -16.16 -20.35 0.41
N GLU C 214 -16.04 -19.14 0.96
CA GLU C 214 -15.85 -17.94 0.15
C GLU C 214 -14.39 -17.71 -0.21
N ILE C 215 -13.49 -18.22 0.62
CA ILE C 215 -12.06 -18.18 0.31
C ILE C 215 -11.79 -19.10 -0.88
N ALA C 216 -12.50 -20.22 -0.91
CA ALA C 216 -12.37 -21.17 -2.01
C ALA C 216 -12.87 -20.54 -3.30
N SER C 217 -14.00 -19.84 -3.22
CA SER C 217 -14.54 -19.13 -4.37
C SER C 217 -13.52 -18.16 -4.94
N ALA C 218 -12.79 -17.50 -4.05
CA ALA C 218 -11.78 -16.53 -4.44
C ALA C 218 -10.63 -17.21 -5.15
N VAL C 219 -10.19 -18.34 -4.59
CA VAL C 219 -9.10 -19.11 -5.16
C VAL C 219 -9.51 -19.72 -6.49
N ALA C 220 -10.75 -20.21 -6.56
CA ALA C 220 -11.25 -20.85 -7.78
C ALA C 220 -11.32 -19.85 -8.93
N PHE C 221 -11.72 -18.62 -8.62
CA PHE C 221 -11.78 -17.58 -9.64
C PHE C 221 -10.40 -17.31 -10.23
N LEU C 222 -9.42 -17.17 -9.35
CA LEU C 222 -8.05 -16.89 -9.77
C LEU C 222 -7.48 -18.03 -10.61
N ALA C 223 -7.82 -19.25 -10.23
CA ALA C 223 -7.27 -20.43 -10.89
C ALA C 223 -7.92 -20.67 -12.24
N SER C 224 -9.10 -20.07 -12.47
CA SER C 224 -9.83 -20.26 -13.72
C SER C 224 -9.17 -19.52 -14.87
N ASP C 225 -9.75 -19.65 -16.06
CA ASP C 225 -9.24 -18.99 -17.25
C ASP C 225 -9.78 -17.56 -17.37
N GLU C 226 -10.53 -17.12 -16.36
CA GLU C 226 -11.08 -15.76 -16.34
C GLU C 226 -10.20 -14.81 -15.54
N ALA C 227 -9.08 -15.31 -15.04
CA ALA C 227 -8.14 -14.50 -14.26
C ALA C 227 -6.75 -14.57 -14.89
N SER C 228 -6.71 -14.71 -16.21
CA SER C 228 -5.46 -14.81 -16.95
C SER C 228 -4.64 -13.53 -16.80
N TYR C 229 -5.31 -12.39 -16.85
CA TYR C 229 -4.63 -11.09 -16.81
C TYR C 229 -4.55 -10.54 -15.38
N ILE C 230 -4.79 -11.41 -14.41
CA ILE C 230 -4.62 -11.07 -12.99
C ILE C 230 -3.41 -11.84 -12.45
N SER C 231 -2.38 -11.11 -12.06
CA SER C 231 -1.15 -11.72 -11.56
C SER C 231 -0.35 -10.71 -10.74
N GLY C 232 0.27 -11.19 -9.68
CA GLY C 232 0.99 -10.33 -8.75
C GLY C 232 0.03 -9.61 -7.82
N GLU C 233 -1.17 -10.16 -7.69
CA GLU C 233 -2.23 -9.53 -6.92
C GLU C 233 -2.36 -10.17 -5.54
N THR C 234 -2.77 -9.36 -4.57
CA THR C 234 -3.15 -9.85 -3.25
C THR C 234 -4.63 -9.61 -3.04
N LEU C 235 -5.44 -10.62 -3.31
CA LEU C 235 -6.90 -10.50 -3.18
C LEU C 235 -7.31 -10.75 -1.73
N HIS C 236 -7.80 -9.70 -1.07
CA HIS C 236 -8.22 -9.80 0.32
C HIS C 236 -9.68 -10.20 0.39
N VAL C 237 -9.99 -11.15 1.29
CA VAL C 237 -11.34 -11.62 1.51
C VAL C 237 -11.65 -11.52 3.00
N ASN C 238 -11.89 -10.29 3.46
CA ASN C 238 -12.01 -10.00 4.89
C ASN C 238 -13.30 -9.27 5.27
N GLY C 239 -14.01 -8.77 4.26
CA GLY C 239 -15.29 -8.12 4.49
C GLY C 239 -15.17 -6.66 4.91
N GLY C 240 -14.04 -6.04 4.58
CA GLY C 240 -13.87 -4.61 4.78
C GLY C 240 -13.07 -4.21 6.00
N MET C 241 -12.16 -5.08 6.45
CA MET C 241 -11.25 -4.74 7.55
C MET C 241 -10.42 -3.51 7.22
N MET D 1 -21.05 -16.69 -11.65
CA MET D 1 -22.45 -17.14 -11.40
C MET D 1 -23.44 -16.34 -12.25
N SER D 2 -24.66 -16.84 -12.35
CA SER D 2 -25.72 -16.17 -13.08
C SER D 2 -26.24 -14.99 -12.26
N PHE D 3 -26.80 -14.02 -12.96
CA PHE D 3 -27.34 -12.85 -12.31
C PHE D 3 -28.84 -12.93 -12.16
N GLU D 4 -29.45 -13.87 -12.86
CA GLU D 4 -30.87 -14.12 -12.73
C GLU D 4 -31.67 -12.83 -12.78
N GLY D 5 -32.54 -12.60 -11.80
CA GLY D 5 -33.34 -11.41 -11.81
C GLY D 5 -32.78 -10.20 -11.12
N LYS D 6 -31.61 -9.78 -11.55
CA LYS D 6 -30.94 -8.60 -11.02
C LYS D 6 -30.78 -7.56 -12.12
N ILE D 7 -30.76 -6.29 -11.71
CA ILE D 7 -30.61 -5.17 -12.64
C ILE D 7 -29.24 -4.50 -12.44
N ALA D 8 -28.54 -4.29 -13.55
CA ALA D 8 -27.20 -3.68 -13.52
C ALA D 8 -27.16 -2.40 -14.33
N LEU D 9 -26.66 -1.33 -13.71
CA LEU D 9 -26.46 -0.06 -14.39
C LEU D 9 -24.98 0.18 -14.64
N VAL D 10 -24.61 0.23 -15.92
CA VAL D 10 -23.23 0.46 -16.33
C VAL D 10 -23.11 1.84 -16.98
N THR D 11 -22.46 2.77 -16.28
CA THR D 11 -22.17 4.06 -16.87
C THR D 11 -21.08 3.93 -17.93
N GLY D 12 -21.14 4.76 -18.96
CA GLY D 12 -20.18 4.71 -20.04
C GLY D 12 -20.08 3.33 -20.71
N ALA D 13 -21.17 2.87 -21.32
CA ALA D 13 -21.23 1.53 -21.89
C ALA D 13 -21.21 1.55 -23.42
N SER D 14 -20.81 2.68 -24.02
CA SER D 14 -20.82 2.81 -25.48
C SER D 14 -19.87 1.80 -26.13
N ARG D 15 -18.64 1.74 -25.62
CA ARG D 15 -17.62 0.86 -26.21
C ARG D 15 -16.56 0.40 -25.21
N GLY D 16 -15.66 -0.45 -25.70
CA GLY D 16 -14.51 -0.89 -24.94
C GLY D 16 -14.89 -1.69 -23.71
N ILE D 17 -14.35 -1.26 -22.58
CA ILE D 17 -14.55 -1.92 -21.30
C ILE D 17 -16.01 -1.88 -20.86
N GLY D 18 -16.60 -0.70 -20.92
CA GLY D 18 -17.97 -0.52 -20.50
C GLY D 18 -18.90 -1.44 -21.26
N ARG D 19 -18.68 -1.55 -22.57
CA ARG D 19 -19.47 -2.44 -23.41
C ARG D 19 -19.23 -3.89 -23.00
N ALA D 20 -17.95 -4.25 -22.86
CA ALA D 20 -17.57 -5.62 -22.52
C ALA D 20 -18.24 -6.05 -21.23
N ILE D 21 -18.23 -5.15 -20.25
CA ILE D 21 -18.87 -5.40 -18.97
C ILE D 21 -20.37 -5.61 -19.16
N ALA D 22 -21.01 -4.74 -19.93
CA ALA D 22 -22.45 -4.83 -20.16
C ALA D 22 -22.82 -6.12 -20.89
N GLU D 23 -22.04 -6.46 -21.92
CA GLU D 23 -22.31 -7.64 -22.74
C GLU D 23 -22.12 -8.94 -21.95
N LEU D 24 -21.16 -8.93 -21.04
CA LEU D 24 -20.87 -10.14 -20.25
C LEU D 24 -21.95 -10.36 -19.19
N LEU D 25 -22.58 -9.27 -18.74
CA LEU D 25 -23.61 -9.36 -17.72
C LEU D 25 -24.92 -9.91 -18.28
N VAL D 26 -25.32 -9.46 -19.46
CA VAL D 26 -26.54 -9.96 -20.09
C VAL D 26 -26.36 -11.42 -20.49
N GLU D 27 -25.13 -11.76 -20.87
CA GLU D 27 -24.79 -13.12 -21.24
C GLU D 27 -24.94 -14.06 -20.06
N ARG D 28 -24.93 -13.49 -18.84
CA ARG D 28 -25.05 -14.28 -17.62
C ARG D 28 -26.37 -14.02 -16.89
N GLY D 29 -27.30 -13.35 -17.56
CA GLY D 29 -28.68 -13.30 -17.10
C GLY D 29 -29.13 -11.98 -16.51
N ALA D 30 -28.23 -11.02 -16.38
CA ALA D 30 -28.56 -9.73 -15.80
C ALA D 30 -29.36 -8.88 -16.78
N CYS D 31 -30.27 -8.06 -16.24
CA CYS D 31 -30.91 -7.01 -17.01
C CYS D 31 -30.02 -5.77 -16.92
N VAL D 32 -29.41 -5.40 -18.03
CA VAL D 32 -28.36 -4.39 -18.04
C VAL D 32 -28.80 -3.07 -18.66
N ILE D 33 -28.37 -1.98 -18.06
CA ILE D 33 -28.63 -0.64 -18.60
C ILE D 33 -27.32 0.10 -18.82
N GLY D 34 -27.06 0.44 -20.07
CA GLY D 34 -25.83 1.15 -20.44
C GLY D 34 -26.10 2.62 -20.63
N THR D 35 -25.06 3.44 -20.43
CA THR D 35 -25.18 4.88 -20.52
C THR D 35 -24.19 5.46 -21.52
N ALA D 36 -24.57 6.59 -22.13
CA ALA D 36 -23.70 7.31 -23.04
C ALA D 36 -23.84 8.82 -22.79
N THR D 37 -22.93 9.59 -23.40
CA THR D 37 -22.96 11.04 -23.28
C THR D 37 -23.95 11.66 -24.25
N SER D 38 -24.19 10.97 -25.37
CA SER D 38 -25.09 11.45 -26.41
C SER D 38 -26.24 10.48 -26.63
N GLU D 39 -27.38 11.01 -27.05
CA GLU D 39 -28.54 10.19 -27.40
C GLU D 39 -28.17 9.24 -28.54
N LYS D 40 -27.31 9.73 -29.43
CA LYS D 40 -26.85 8.95 -30.58
C LYS D 40 -26.08 7.72 -30.11
N GLY D 41 -25.33 7.88 -29.03
CA GLY D 41 -24.55 6.80 -28.46
C GLY D 41 -25.43 5.84 -27.69
N ALA D 42 -26.50 6.35 -27.09
CA ALA D 42 -27.38 5.54 -26.26
C ALA D 42 -28.11 4.47 -27.06
N GLU D 43 -28.59 4.83 -28.25
CA GLU D 43 -29.28 3.87 -29.11
C GLU D 43 -28.32 2.78 -29.56
N ALA D 44 -27.07 3.16 -29.81
CA ALA D 44 -26.04 2.20 -30.20
C ALA D 44 -25.86 1.17 -29.10
N ILE D 45 -26.02 1.61 -27.85
CA ILE D 45 -25.95 0.70 -26.71
C ILE D 45 -27.18 -0.20 -26.69
N SER D 46 -28.35 0.39 -26.92
CA SER D 46 -29.60 -0.35 -26.96
C SER D 46 -29.58 -1.38 -28.08
N ALA D 47 -28.83 -1.08 -29.14
CA ALA D 47 -28.77 -1.94 -30.32
C ALA D 47 -28.17 -3.30 -29.99
N TYR D 48 -27.02 -3.31 -29.33
CA TYR D 48 -26.34 -4.57 -29.01
C TYR D 48 -26.88 -5.19 -27.71
N LEU D 49 -27.66 -4.41 -26.95
CA LEU D 49 -28.28 -4.92 -25.74
C LEU D 49 -29.54 -5.73 -26.08
N GLY D 50 -30.29 -5.26 -27.07
CA GLY D 50 -31.47 -5.94 -27.53
C GLY D 50 -32.59 -6.00 -26.50
N GLU D 51 -33.19 -7.16 -26.35
CA GLU D 51 -34.33 -7.36 -25.45
C GLU D 51 -33.86 -7.57 -24.01
N ASN D 52 -32.55 -7.62 -23.82
CA ASN D 52 -31.97 -7.89 -22.51
C ASN D 52 -31.71 -6.63 -21.68
N GLY D 53 -32.06 -5.47 -22.22
CA GLY D 53 -31.85 -4.22 -21.53
C GLY D 53 -32.15 -3.00 -22.37
N LYS D 54 -31.50 -1.88 -22.03
CA LYS D 54 -31.75 -0.61 -22.72
C LYS D 54 -30.59 0.36 -22.54
N GLY D 55 -30.42 1.25 -23.53
CA GLY D 55 -29.37 2.25 -23.50
C GLY D 55 -29.92 3.66 -23.38
N LEU D 56 -29.50 4.37 -22.33
CA LEU D 56 -29.99 5.71 -22.04
C LEU D 56 -28.85 6.74 -22.10
N MET D 57 -29.21 8.01 -22.12
CA MET D 57 -28.23 9.09 -21.98
C MET D 57 -28.20 9.59 -20.54
N LEU D 58 -26.99 9.73 -20.00
CA LEU D 58 -26.82 10.23 -18.64
C LEU D 58 -25.62 11.16 -18.54
N ASN D 59 -25.85 12.31 -17.92
CA ASN D 59 -24.78 13.26 -17.61
C ASN D 59 -24.45 13.14 -16.13
N VAL D 60 -23.43 12.35 -15.82
CA VAL D 60 -23.09 12.00 -14.44
C VAL D 60 -22.74 13.24 -13.60
N VAL D 61 -22.41 14.33 -14.28
CA VAL D 61 -22.12 15.59 -13.60
C VAL D 61 -23.41 16.32 -13.23
N ASP D 62 -24.48 15.99 -13.95
CA ASP D 62 -25.78 16.63 -13.75
C ASP D 62 -26.64 15.84 -12.75
N PRO D 63 -26.94 16.43 -11.59
CA PRO D 63 -27.79 15.72 -10.61
C PRO D 63 -29.16 15.39 -11.16
N THR D 64 -29.74 16.32 -11.91
CA THR D 64 -31.05 16.11 -12.53
C THR D 64 -31.00 14.92 -13.47
N SER D 65 -29.91 14.81 -14.22
CA SER D 65 -29.74 13.71 -15.17
C SER D 65 -29.67 12.37 -14.44
N ILE D 66 -28.98 12.36 -13.30
CA ILE D 66 -28.88 11.16 -12.48
C ILE D 66 -30.25 10.75 -11.95
N ASP D 67 -31.05 11.74 -11.58
CA ASP D 67 -32.37 11.48 -10.99
C ASP D 67 -33.37 10.98 -12.02
N THR D 68 -33.38 11.60 -13.20
CA THR D 68 -34.35 11.26 -14.23
C THR D 68 -34.11 9.86 -14.79
N VAL D 69 -32.85 9.54 -15.09
CA VAL D 69 -32.53 8.23 -15.65
C VAL D 69 -32.90 7.15 -14.64
N LEU D 70 -32.51 7.34 -13.38
CA LEU D 70 -32.82 6.37 -12.34
C LEU D 70 -34.33 6.18 -12.21
N ALA D 71 -35.08 7.26 -12.35
CA ALA D 71 -36.54 7.19 -12.33
C ALA D 71 -37.04 6.38 -13.52
N THR D 72 -36.39 6.57 -14.67
CA THR D 72 -36.73 5.82 -15.87
C THR D 72 -36.42 4.34 -15.69
N ILE D 73 -35.32 4.05 -14.97
CA ILE D 73 -34.93 2.68 -14.72
C ILE D 73 -35.95 1.98 -13.80
N ARG D 74 -36.31 2.65 -12.71
CA ARG D 74 -37.30 2.11 -11.78
C ARG D 74 -38.65 1.93 -12.46
N ALA D 75 -38.98 2.85 -13.36
CA ALA D 75 -40.28 2.84 -14.04
C ALA D 75 -40.43 1.64 -14.96
N GLU D 76 -39.40 1.38 -15.77
CA GLU D 76 -39.50 0.41 -16.85
C GLU D 76 -38.82 -0.93 -16.53
N PHE D 77 -37.98 -0.96 -15.50
CA PHE D 77 -37.22 -2.16 -15.17
C PHE D 77 -37.22 -2.47 -13.67
N GLY D 78 -36.72 -1.54 -12.86
CA GLY D 78 -36.72 -1.71 -11.42
C GLY D 78 -35.55 -1.07 -10.70
N GLU D 79 -35.26 -1.54 -9.49
CA GLU D 79 -34.20 -0.97 -8.66
C GLU D 79 -32.84 -1.55 -9.04
N VAL D 80 -31.81 -0.72 -9.04
CA VAL D 80 -30.46 -1.15 -9.39
C VAL D 80 -29.83 -2.00 -8.31
N ASP D 81 -29.45 -3.23 -8.66
CA ASP D 81 -28.76 -4.13 -7.73
C ASP D 81 -27.25 -4.03 -7.92
N ILE D 82 -26.83 -3.70 -9.14
CA ILE D 82 -25.43 -3.62 -9.49
C ILE D 82 -25.11 -2.29 -10.18
N LEU D 83 -24.17 -1.54 -9.60
CA LEU D 83 -23.76 -0.25 -10.16
C LEU D 83 -22.30 -0.31 -10.62
N VAL D 84 -22.09 -0.12 -11.92
CA VAL D 84 -20.75 -0.12 -12.49
C VAL D 84 -20.37 1.27 -13.02
N ASN D 85 -19.56 1.99 -12.25
CA ASN D 85 -19.10 3.31 -12.66
C ASN D 85 -17.93 3.19 -13.63
N ASN D 86 -18.14 3.67 -14.86
CA ASN D 86 -17.10 3.66 -15.88
C ASN D 86 -17.22 4.89 -16.78
N ALA D 87 -17.54 6.03 -16.16
CA ALA D 87 -17.83 7.26 -16.89
C ALA D 87 -16.71 8.29 -16.77
N GLY D 88 -15.49 7.82 -16.50
CA GLY D 88 -14.36 8.71 -16.30
C GLY D 88 -13.90 9.38 -17.59
N ILE D 89 -13.23 10.52 -17.44
CA ILE D 89 -12.64 11.23 -18.57
C ILE D 89 -11.26 11.77 -18.20
N THR D 90 -10.60 12.44 -19.15
CA THR D 90 -9.28 13.03 -18.92
C THR D 90 -9.16 14.43 -19.52
N ARG D 91 -8.40 15.28 -18.82
CA ARG D 91 -8.07 16.62 -19.31
C ARG D 91 -6.60 16.88 -19.00
N ASP D 92 -5.73 16.07 -19.59
CA ASP D 92 -4.30 16.09 -19.26
C ASP D 92 -3.67 17.45 -19.51
N ASN D 93 -2.76 17.82 -18.61
CA ASN D 93 -1.99 19.04 -18.73
C ASN D 93 -1.01 19.14 -17.55
N LEU D 94 0.08 19.88 -17.74
CA LEU D 94 0.99 20.15 -16.63
C LEU D 94 0.29 21.08 -15.66
N LEU D 95 0.69 21.00 -14.38
CA LEU D 95 0.03 21.77 -13.33
C LEU D 95 -0.08 23.25 -13.67
N MET D 96 0.98 23.82 -14.24
CA MET D 96 1.00 25.25 -14.54
C MET D 96 0.00 25.63 -15.62
N ARG D 97 -0.15 24.74 -16.61
CA ARG D 97 -1.00 25.03 -17.76
C ARG D 97 -2.38 24.41 -17.63
N MET D 98 -2.69 23.86 -16.46
CA MET D 98 -4.00 23.26 -16.20
C MET D 98 -4.96 24.27 -15.60
N LYS D 99 -6.08 24.49 -16.27
CA LYS D 99 -7.09 25.44 -15.82
C LYS D 99 -7.93 24.86 -14.69
N ASP D 100 -8.65 25.73 -13.97
CA ASP D 100 -9.57 25.28 -12.93
C ASP D 100 -10.68 24.45 -13.55
N ASP D 101 -11.07 24.80 -14.78
CA ASP D 101 -12.06 24.06 -15.52
C ASP D 101 -11.61 22.62 -15.74
N GLU D 102 -10.36 22.45 -16.14
CA GLU D 102 -9.82 21.14 -16.49
C GLU D 102 -9.65 20.25 -15.25
N TRP D 103 -9.38 20.88 -14.11
CA TRP D 103 -9.29 20.14 -12.86
C TRP D 103 -10.66 19.78 -12.34
N GLN D 104 -11.53 20.79 -12.23
CA GLN D 104 -12.83 20.63 -11.61
C GLN D 104 -13.74 19.72 -12.41
N ASP D 105 -13.55 19.69 -13.73
CA ASP D 105 -14.37 18.83 -14.59
C ASP D 105 -14.02 17.36 -14.40
N ILE D 106 -12.76 17.08 -14.10
CA ILE D 106 -12.33 15.71 -13.82
C ILE D 106 -12.88 15.25 -12.48
N ILE D 107 -12.75 16.10 -11.47
CA ILE D 107 -13.23 15.79 -10.12
C ILE D 107 -14.74 15.51 -10.12
N ASP D 108 -15.49 16.35 -10.84
CA ASP D 108 -16.93 16.21 -10.91
C ASP D 108 -17.35 14.96 -11.68
N THR D 109 -16.60 14.65 -12.74
CA THR D 109 -16.95 13.55 -13.64
C THR D 109 -16.42 12.20 -13.17
N ASN D 110 -15.25 12.21 -12.54
CA ASN D 110 -14.59 10.96 -12.17
C ASN D 110 -14.77 10.58 -10.70
N LEU D 111 -14.91 11.57 -9.83
CA LEU D 111 -15.00 11.32 -8.38
C LEU D 111 -16.40 11.57 -7.83
N THR D 112 -16.87 12.81 -7.93
CA THR D 112 -18.15 13.22 -7.36
C THR D 112 -19.33 12.41 -7.92
N SER D 113 -19.24 12.04 -9.19
CA SER D 113 -20.29 11.25 -9.83
C SER D 113 -20.47 9.92 -9.13
N VAL D 114 -19.35 9.33 -8.71
CA VAL D 114 -19.37 8.05 -8.00
C VAL D 114 -20.07 8.22 -6.65
N PHE D 115 -19.91 9.38 -6.05
CA PHE D 115 -20.57 9.68 -4.78
C PHE D 115 -22.08 9.81 -4.96
N ARG D 116 -22.48 10.57 -5.98
CA ARG D 116 -23.89 10.80 -6.25
C ARG D 116 -24.60 9.51 -6.62
N LEU D 117 -24.03 8.79 -7.58
CA LEU D 117 -24.66 7.56 -8.07
C LEU D 117 -24.66 6.46 -7.02
N SER D 118 -23.62 6.42 -6.19
CA SER D 118 -23.58 5.44 -5.10
C SER D 118 -24.70 5.71 -4.11
N LYS D 119 -24.86 6.97 -3.71
CA LYS D 119 -25.89 7.36 -2.77
C LYS D 119 -27.29 7.11 -3.32
N ALA D 120 -27.44 7.25 -4.63
CA ALA D 120 -28.75 7.15 -5.27
C ALA D 120 -29.26 5.71 -5.31
N VAL D 121 -28.35 4.74 -5.34
CA VAL D 121 -28.73 3.34 -5.44
C VAL D 121 -28.52 2.58 -4.12
N MET D 122 -27.95 3.26 -3.13
CA MET D 122 -27.61 2.63 -1.85
C MET D 122 -28.84 2.25 -1.03
N ARG D 123 -29.81 3.16 -0.97
CA ARG D 123 -30.98 2.96 -0.13
C ARG D 123 -31.77 1.72 -0.54
N ALA D 124 -31.97 1.55 -1.84
CA ALA D 124 -32.70 0.40 -2.36
C ALA D 124 -31.94 -0.90 -2.12
N MET D 125 -30.61 -0.83 -2.18
CA MET D 125 -29.76 -2.01 -2.00
C MET D 125 -29.87 -2.57 -0.60
N MET D 126 -29.94 -1.68 0.40
CA MET D 126 -30.01 -2.11 1.79
C MET D 126 -31.41 -2.60 2.16
N LYS D 127 -32.40 -2.13 1.41
CA LYS D 127 -33.76 -2.65 1.55
C LYS D 127 -33.79 -4.12 1.11
N LYS D 128 -32.96 -4.44 0.12
CA LYS D 128 -32.88 -5.78 -0.44
C LYS D 128 -31.78 -6.63 0.17
N ARG D 129 -31.03 -6.07 1.12
CA ARG D 129 -29.91 -6.76 1.75
C ARG D 129 -28.87 -7.23 0.73
N PHE D 130 -28.89 -6.65 -0.46
CA PHE D 130 -27.91 -6.99 -1.49
C PHE D 130 -27.57 -5.77 -2.34
N GLY D 131 -26.29 -5.64 -2.67
CA GLY D 131 -25.84 -4.57 -3.53
C GLY D 131 -24.41 -4.76 -3.99
N ARG D 132 -24.11 -4.21 -5.16
CA ARG D 132 -22.75 -4.22 -5.69
C ARG D 132 -22.43 -2.85 -6.28
N ILE D 133 -21.31 -2.28 -5.86
CA ILE D 133 -20.81 -1.05 -6.45
C ILE D 133 -19.38 -1.27 -6.90
N ILE D 134 -19.15 -1.15 -8.21
CA ILE D 134 -17.85 -1.39 -8.80
C ILE D 134 -17.46 -0.20 -9.66
N THR D 135 -16.30 0.37 -9.38
CA THR D 135 -15.84 1.52 -10.13
C THR D 135 -14.61 1.16 -10.96
N ILE D 136 -14.63 1.59 -12.22
CA ILE D 136 -13.51 1.35 -13.13
C ILE D 136 -12.56 2.54 -13.12
N GLY D 137 -11.40 2.36 -12.48
CA GLY D 137 -10.36 3.38 -12.44
C GLY D 137 -9.06 2.90 -13.08
N SER D 138 -8.68 3.51 -14.21
CA SER D 138 -7.57 3.00 -15.01
C SER D 138 -6.29 3.83 -14.81
N GLY D 147 1.47 14.93 -17.13
CA GLY D 147 0.57 15.86 -16.47
C GLY D 147 -0.83 15.31 -16.31
N GLN D 148 -1.07 14.65 -15.19
CA GLN D 148 -2.37 14.03 -14.91
C GLN D 148 -2.75 14.15 -13.43
N VAL D 149 -2.33 15.23 -12.79
CA VAL D 149 -2.61 15.43 -11.38
C VAL D 149 -4.11 15.45 -11.10
N ASN D 150 -4.90 15.88 -12.09
CA ASN D 150 -6.34 15.91 -11.94
C ASN D 150 -6.98 14.53 -12.05
N TYR D 151 -6.48 13.72 -12.99
CA TYR D 151 -6.95 12.35 -13.13
C TYR D 151 -6.45 11.48 -11.98
N ALA D 152 -5.21 11.74 -11.56
CA ALA D 152 -4.58 10.96 -10.50
C ALA D 152 -5.29 11.16 -9.16
N ALA D 153 -5.70 12.39 -8.89
CA ALA D 153 -6.38 12.72 -7.64
C ALA D 153 -7.73 12.02 -7.55
N ALA D 154 -8.50 12.07 -8.63
CA ALA D 154 -9.82 11.46 -8.65
C ALA D 154 -9.73 9.95 -8.55
N LYS D 155 -8.76 9.36 -9.23
CA LYS D 155 -8.56 7.92 -9.22
C LYS D 155 -8.30 7.43 -7.79
N ALA D 156 -7.46 8.16 -7.06
CA ALA D 156 -7.14 7.83 -5.69
C ALA D 156 -8.35 8.05 -4.78
N GLY D 157 -9.07 9.14 -5.02
CA GLY D 157 -10.23 9.47 -4.23
C GLY D 157 -11.28 8.37 -4.27
N VAL D 158 -11.53 7.88 -5.48
CA VAL D 158 -12.51 6.81 -5.68
C VAL D 158 -12.17 5.58 -4.85
N ILE D 159 -10.87 5.27 -4.77
CA ILE D 159 -10.41 4.14 -3.97
C ILE D 159 -10.62 4.40 -2.48
N GLY D 160 -10.30 5.61 -2.04
CA GLY D 160 -10.53 6.01 -0.65
C GLY D 160 -12.01 6.01 -0.33
N PHE D 161 -12.80 6.50 -1.27
CA PHE D 161 -14.26 6.50 -1.13
C PHE D 161 -14.81 5.08 -1.02
N SER D 162 -14.35 4.21 -1.90
CA SER D 162 -14.83 2.84 -1.94
C SER D 162 -14.45 2.07 -0.68
N LYS D 163 -13.23 2.25 -0.22
CA LYS D 163 -12.76 1.55 0.98
C LYS D 163 -13.50 2.04 2.21
N SER D 164 -13.75 3.34 2.26
CA SER D 164 -14.45 3.93 3.39
C SER D 164 -15.91 3.47 3.41
N LEU D 165 -16.57 3.54 2.25
CA LEU D 165 -17.97 3.18 2.14
C LEU D 165 -18.18 1.69 2.39
N ALA D 166 -17.27 0.88 1.86
CA ALA D 166 -17.33 -0.56 2.04
C ALA D 166 -17.41 -0.92 3.52
N ARG D 167 -16.57 -0.24 4.31
CA ARG D 167 -16.51 -0.45 5.74
C ARG D 167 -17.81 0.01 6.41
N GLU D 168 -18.50 0.93 5.76
CA GLU D 168 -19.70 1.53 6.33
C GLU D 168 -20.96 0.70 6.08
N VAL D 169 -20.97 -0.07 5.00
CA VAL D 169 -22.17 -0.82 4.61
C VAL D 169 -21.89 -2.31 4.43
N ALA D 170 -20.82 -2.80 5.05
CA ALA D 170 -20.36 -4.16 4.85
C ALA D 170 -21.44 -5.20 5.17
N SER D 171 -21.90 -5.21 6.41
CA SER D 171 -22.81 -6.26 6.87
C SER D 171 -24.26 -6.02 6.44
N ARG D 172 -24.49 -4.98 5.64
CA ARG D 172 -25.80 -4.77 5.03
C ARG D 172 -25.92 -5.57 3.73
N GLY D 173 -24.93 -6.41 3.46
CA GLY D 173 -24.94 -7.27 2.29
C GLY D 173 -24.54 -6.55 1.02
N ILE D 174 -23.81 -5.45 1.18
CA ILE D 174 -23.36 -4.65 0.06
C ILE D 174 -21.85 -4.59 0.04
N THR D 175 -21.26 -4.74 -1.14
CA THR D 175 -19.82 -4.63 -1.30
C THR D 175 -19.50 -3.47 -2.23
N VAL D 176 -18.40 -2.79 -1.96
CA VAL D 176 -17.94 -1.67 -2.75
C VAL D 176 -16.49 -1.91 -3.16
N ASN D 177 -16.26 -2.10 -4.46
CA ASN D 177 -14.93 -2.45 -4.96
C ASN D 177 -14.52 -1.58 -6.14
N VAL D 178 -13.25 -1.74 -6.53
CA VAL D 178 -12.69 -1.03 -7.67
C VAL D 178 -11.91 -2.00 -8.53
N VAL D 179 -12.11 -1.93 -9.85
CA VAL D 179 -11.29 -2.67 -10.79
C VAL D 179 -10.37 -1.69 -11.51
N ALA D 180 -9.06 -1.93 -11.40
CA ALA D 180 -8.08 -1.03 -11.95
C ALA D 180 -7.23 -1.69 -13.04
N PRO D 181 -7.63 -1.53 -14.31
CA PRO D 181 -6.83 -2.09 -15.41
C PRO D 181 -5.57 -1.31 -15.69
N GLY D 182 -4.72 -1.85 -16.56
CA GLY D 182 -3.53 -1.16 -17.04
C GLY D 182 -3.77 -0.65 -18.45
N PHE D 183 -5.03 -0.28 -18.70
CA PHE D 183 -5.52 0.19 -20.01
C PHE D 183 -4.46 0.82 -20.91
N ASP D 211 -6.89 -6.68 -22.20
CA ASP D 211 -8.11 -6.78 -22.99
C ASP D 211 -9.31 -6.40 -22.15
N ALA D 212 -10.23 -5.66 -22.75
CA ALA D 212 -11.46 -5.23 -22.08
C ALA D 212 -12.28 -6.41 -21.59
N LYS D 213 -12.23 -7.51 -22.33
CA LYS D 213 -12.98 -8.71 -21.98
C LYS D 213 -12.49 -9.28 -20.65
N GLU D 214 -11.21 -9.12 -20.36
CA GLU D 214 -10.63 -9.56 -19.10
C GLU D 214 -11.06 -8.63 -17.97
N ILE D 215 -11.31 -7.36 -18.31
CA ILE D 215 -11.78 -6.40 -17.33
C ILE D 215 -13.20 -6.76 -16.92
N ALA D 216 -14.01 -7.14 -17.90
CA ALA D 216 -15.39 -7.54 -17.64
C ALA D 216 -15.45 -8.78 -16.75
N SER D 217 -14.57 -9.73 -17.00
CA SER D 217 -14.50 -10.96 -16.20
C SER D 217 -14.25 -10.64 -14.74
N ALA D 218 -13.41 -9.65 -14.47
CA ALA D 218 -13.10 -9.24 -13.12
C ALA D 218 -14.29 -8.54 -12.47
N VAL D 219 -14.92 -7.65 -13.22
CA VAL D 219 -16.08 -6.92 -12.75
C VAL D 219 -17.26 -7.87 -12.48
N ALA D 220 -17.41 -8.87 -13.36
CA ALA D 220 -18.49 -9.84 -13.23
C ALA D 220 -18.29 -10.75 -12.02
N PHE D 221 -17.02 -10.98 -11.68
CA PHE D 221 -16.68 -11.82 -10.53
C PHE D 221 -17.06 -11.13 -9.22
N LEU D 222 -16.73 -9.84 -9.12
CA LEU D 222 -17.01 -9.07 -7.92
C LEU D 222 -18.50 -8.87 -7.73
N ALA D 223 -19.23 -8.75 -8.84
CA ALA D 223 -20.66 -8.47 -8.81
C ALA D 223 -21.48 -9.73 -8.53
N SER D 224 -20.88 -10.89 -8.74
CA SER D 224 -21.58 -12.16 -8.55
C SER D 224 -21.74 -12.49 -7.07
N ASP D 225 -22.42 -13.61 -6.80
CA ASP D 225 -22.61 -14.07 -5.43
C ASP D 225 -21.39 -14.83 -4.93
N GLU D 226 -20.32 -14.84 -5.72
CA GLU D 226 -19.09 -15.54 -5.38
C GLU D 226 -18.09 -14.61 -4.70
N ALA D 227 -18.42 -13.32 -4.65
CA ALA D 227 -17.53 -12.31 -4.10
C ALA D 227 -18.24 -11.49 -3.03
N SER D 228 -19.10 -12.15 -2.27
CA SER D 228 -19.87 -11.47 -1.23
C SER D 228 -18.98 -10.95 -0.11
N TYR D 229 -17.88 -11.64 0.15
CA TYR D 229 -16.98 -11.30 1.25
C TYR D 229 -15.77 -10.50 0.76
N ILE D 230 -15.80 -10.08 -0.50
CA ILE D 230 -14.77 -9.19 -1.05
C ILE D 230 -15.34 -7.78 -1.19
N SER D 231 -14.84 -6.87 -0.37
CA SER D 231 -15.33 -5.49 -0.35
C SER D 231 -14.23 -4.54 0.10
N GLY D 232 -14.21 -3.35 -0.50
CA GLY D 232 -13.17 -2.38 -0.21
C GLY D 232 -11.86 -2.79 -0.87
N GLU D 233 -11.98 -3.60 -1.92
CA GLU D 233 -10.82 -4.17 -2.60
C GLU D 233 -10.55 -3.43 -3.91
N THR D 234 -9.26 -3.35 -4.27
CA THR D 234 -8.86 -2.82 -5.57
C THR D 234 -8.24 -3.95 -6.38
N LEU D 235 -9.02 -4.49 -7.32
CA LEU D 235 -8.58 -5.63 -8.12
C LEU D 235 -7.86 -5.14 -9.36
N HIS D 236 -6.53 -5.34 -9.39
CA HIS D 236 -5.72 -4.92 -10.52
C HIS D 236 -5.68 -5.98 -11.60
N VAL D 237 -5.93 -5.57 -12.84
CA VAL D 237 -5.91 -6.48 -13.97
C VAL D 237 -4.83 -6.03 -14.94
N ASN D 238 -3.58 -6.38 -14.62
CA ASN D 238 -2.42 -5.93 -15.37
C ASN D 238 -1.55 -7.10 -15.86
N GLY D 239 -1.66 -8.24 -15.19
CA GLY D 239 -0.96 -9.44 -15.60
C GLY D 239 0.55 -9.40 -15.40
N GLY D 240 1.01 -8.56 -14.48
CA GLY D 240 2.42 -8.45 -14.17
C GLY D 240 2.99 -7.12 -14.58
P PO4 E . -9.89 28.68 11.85
O1 PO4 E . -9.98 30.11 12.33
O2 PO4 E . -10.93 28.46 10.78
O3 PO4 E . -10.15 27.74 13.00
O4 PO4 E . -8.52 28.41 11.28
C1 GOL F . 4.16 4.73 1.58
O1 GOL F . 3.06 5.08 0.77
C2 GOL F . 3.91 3.40 2.26
O2 GOL F . 4.34 2.33 1.44
C3 GOL F . 4.60 3.30 3.59
O3 GOL F . 4.36 2.04 4.11
H11 GOL F . 5.04 4.65 0.94
H12 GOL F . 4.34 5.50 2.32
HO1 GOL F . 3.38 5.58 0.00
H2 GOL F . 2.83 3.32 2.42
HO2 GOL F . 5.14 2.59 0.97
H31 GOL F . 5.67 3.45 3.47
H32 GOL F . 4.23 4.05 4.28
HO3 GOL F . 4.01 2.15 5.00
C1 GOL G . -3.67 -3.78 -3.24
O1 GOL G . -5.02 -3.98 -2.87
C2 GOL G . -2.93 -5.11 -3.25
O2 GOL G . -2.64 -5.45 -4.59
C3 GOL G . -1.64 -5.08 -2.44
O3 GOL G . -0.53 -5.22 -3.29
H11 GOL G . -3.63 -3.34 -4.23
H12 GOL G . -3.21 -3.10 -2.53
HO1 GOL G . -5.48 -3.12 -2.80
H2 GOL G . -3.59 -5.87 -2.82
HO2 GOL G . -2.02 -4.78 -4.96
H31 GOL G . -1.57 -4.14 -1.89
H32 GOL G . -1.64 -5.89 -1.70
HO3 GOL G . 0.30 -5.11 -2.77
#